data_7A0P
#
_entry.id   7A0P
#
_cell.length_a   49.004
_cell.length_b   81.071
_cell.length_c   225.110
_cell.angle_alpha   90.000
_cell.angle_beta   90.000
_cell.angle_gamma   90.000
#
_symmetry.space_group_name_H-M   'P 21 21 21'
#
loop_
_entity.id
_entity.type
_entity.pdbx_description
1 polymer 'Leucine--tRNA ligase'
2 non-polymer 1,2-ETHANEDIOL
3 non-polymer 'ZINC ION'
4 non-polymer '[(2~{R},3~{S},4~{S},5~{R})-3,4-bis(oxidanyl)-5-[3-[4-[(~{E})-phenylcarbonyliminomethyl]-1,2,3-triazol-1-yl]propyl]oxan-2-yl]methyl ~{N}-[(2~{S})-2-azanyl-4-methyl-pentanoyl]sulfamate'
5 non-polymer 'MAGNESIUM ION'
6 water water
#
_entity_poly.entity_id   1
_entity_poly.type   'polypeptide(L)'
_entity_poly.pdbx_seq_one_letter_code
;GMQEHYQPAAIEPAAQKKWDDARISNVSEDASKPKYYCLSMFPYPSGKLHMGHVRNYTIGDVLSRFKLLNGFNVMQPMGW
DAFGMPAENAAMKNNVAPAAWTYDNIEYMKTQLKSLGFAVDWEREVATCKPEYYRWEQWLFTKLFEKGIVYRKNGTVNWD
PVDQTVLANEQVIDGRGWRSGALIEKREIPMYYFKITDYAEELLNDLDKLEHWPEQVKTMQRNWIGKSRGMTVRFAVSDD
SKQGLEGDYAKFLQVYTTRPDTLMGATYVAVAAEHPLATAAAADKPELQAFIAECKAGSVAEADMATMEKKGVPTGRYVV
NPLNGDKLEVWIANYVLWGYGDGAVMAVPAHDERDFEFAAKYNLPKKQVIAVGDNAFDANRWQEWYGDKENGVLVNSGDL
DGLDFQTAFDAVAAKLQSQGAGEPKTQYRLRDWGISRQRYWGCPIPIVHCEKCGNVPVPADQLPVVLPENVVPDGMGSPL
AKMPEFYETSCPCCGGAAKRETDTMDTFIESSWYFFRYMSPKFSDGMVSAESAKYWGAVDQYIGGIEHAILHLLYARFFT
KLMRDEGLVNVDEPFERLLTQGMVVCETYYRENDKGGKDWINPADVELTFDDKGRPVSAVLKADGLPVVISGTEKMSKSK
NNGVDPQELINAYGADTARLFMMFAAPPEQSLEWSDSGVEGAHRFLRRLWRTVYEYLKQGGAVKAFAGNQDGLSKELKDL
RHKLHSTTAKVSDDYGRRQQFNTAIAAVMELLNQYDKTDTGSEQGRAVAQEVLEAAVRLLWPIVPHICETLWSELNGAKL
WEAGWPTVDEAALVKSEIEVMVQVNGKLRGKITVAADASKADLEAAALANEGAVKFMEGKPAKKIIVVPGRLVNIVV
;
_entity_poly.pdbx_strand_id   A
#
# COMPACT_ATOMS: atom_id res chain seq x y z
N MET A 2 -39.65 23.66 6.93
CA MET A 2 -38.29 23.46 7.45
C MET A 2 -38.25 23.62 8.97
N GLN A 3 -37.85 22.55 9.65
CA GLN A 3 -37.77 22.58 11.11
C GLN A 3 -36.64 23.51 11.55
N GLU A 4 -36.77 24.01 12.78
CA GLU A 4 -35.82 25.00 13.27
C GLU A 4 -34.46 24.39 13.57
N HIS A 5 -34.43 23.19 14.14
CA HIS A 5 -33.21 22.59 14.64
C HIS A 5 -32.70 21.50 13.71
N TYR A 6 -31.38 21.36 13.68
CA TYR A 6 -30.71 20.38 12.83
C TYR A 6 -30.78 19.00 13.48
N GLN A 7 -31.44 18.06 12.80
CA GLN A 7 -31.59 16.69 13.29
C GLN A 7 -31.13 15.74 12.21
N PRO A 8 -29.93 15.17 12.33
CA PRO A 8 -29.39 14.34 11.24
C PRO A 8 -30.21 13.09 10.95
N ALA A 9 -30.76 12.46 11.98
CA ALA A 9 -31.55 11.24 11.76
C ALA A 9 -32.83 11.51 10.99
N ALA A 10 -33.24 12.76 10.84
CA ALA A 10 -34.45 13.10 10.11
C ALA A 10 -34.19 13.49 8.66
N ILE A 11 -32.92 13.70 8.27
CA ILE A 11 -32.62 14.20 6.94
C ILE A 11 -31.70 13.24 6.19
N GLU A 12 -30.84 12.52 6.93
CA GLU A 12 -29.83 11.70 6.25
C GLU A 12 -30.45 10.50 5.54
N PRO A 13 -31.37 9.73 6.14
CA PRO A 13 -32.02 8.67 5.37
C PRO A 13 -32.82 9.17 4.18
N ALA A 14 -33.45 10.35 4.30
CA ALA A 14 -34.23 10.87 3.18
C ALA A 14 -33.33 11.31 2.03
N ALA A 15 -32.19 11.92 2.34
CA ALA A 15 -31.27 12.33 1.29
C ALA A 15 -30.67 11.12 0.58
N GLN A 16 -30.44 10.04 1.33
CA GLN A 16 -29.91 8.83 0.71
C GLN A 16 -30.93 8.19 -0.23
N LYS A 17 -32.20 8.14 0.19
CA LYS A 17 -33.25 7.65 -0.69
C LYS A 17 -33.39 8.53 -1.93
N LYS A 18 -33.17 9.84 -1.77
CA LYS A 18 -33.27 10.75 -2.91
C LYS A 18 -32.19 10.44 -3.95
N TRP A 19 -30.96 10.23 -3.49
CA TRP A 19 -29.87 9.91 -4.40
C TRP A 19 -30.07 8.54 -5.05
N ASP A 20 -30.45 7.55 -4.25
CA ASP A 20 -30.64 6.20 -4.78
C ASP A 20 -31.77 6.16 -5.79
N ASP A 21 -32.86 6.90 -5.53
CA ASP A 21 -33.98 6.93 -6.47
C ASP A 21 -33.58 7.54 -7.80
N ALA A 22 -32.74 8.58 -7.77
CA ALA A 22 -32.27 9.21 -9.00
C ALA A 22 -31.11 8.46 -9.63
N ARG A 23 -30.52 7.48 -8.93
CA ARG A 23 -29.45 6.64 -9.46
C ARG A 23 -28.26 7.46 -9.93
N ILE A 24 -27.95 8.53 -9.21
CA ILE A 24 -26.87 9.42 -9.61
C ILE A 24 -25.52 8.73 -9.52
N SER A 25 -25.40 7.68 -8.72
CA SER A 25 -24.15 6.95 -8.58
C SER A 25 -24.11 5.67 -9.40
N ASN A 26 -25.21 5.29 -10.02
CA ASN A 26 -25.27 4.11 -10.89
C ASN A 26 -24.94 4.55 -12.31
N VAL A 27 -23.73 4.22 -12.77
CA VAL A 27 -23.22 4.74 -14.03
C VAL A 27 -23.01 3.60 -15.01
N SER A 28 -23.11 3.94 -16.29
CA SER A 28 -22.86 3.03 -17.40
C SER A 28 -21.72 3.59 -18.26
N GLU A 29 -21.33 2.84 -19.28
CA GLU A 29 -20.31 3.29 -20.24
C GLU A 29 -20.97 4.25 -21.23
N ASP A 30 -21.26 5.46 -20.74
CA ASP A 30 -21.99 6.47 -21.51
C ASP A 30 -20.98 7.42 -22.15
N ALA A 31 -20.93 7.41 -23.48
CA ALA A 31 -19.98 8.22 -24.23
C ALA A 31 -20.39 9.69 -24.31
N SER A 32 -21.50 10.08 -23.71
CA SER A 32 -21.95 11.46 -23.79
C SER A 32 -21.33 12.35 -22.71
N LYS A 33 -20.92 11.77 -21.59
CA LYS A 33 -20.27 12.51 -20.53
C LYS A 33 -18.85 11.99 -20.31
N PRO A 34 -17.92 12.87 -19.95
CA PRO A 34 -16.54 12.41 -19.73
C PRO A 34 -16.44 11.56 -18.48
N LYS A 35 -15.78 10.41 -18.60
CA LYS A 35 -15.67 9.48 -17.50
C LYS A 35 -14.74 10.01 -16.42
N TYR A 36 -14.96 9.55 -15.19
CA TYR A 36 -14.02 9.76 -14.10
C TYR A 36 -14.08 8.57 -13.16
N TYR A 37 -12.94 7.95 -12.92
CA TYR A 37 -12.84 6.74 -12.12
C TYR A 37 -12.10 7.09 -10.84
N CYS A 38 -12.85 7.22 -9.74
CA CYS A 38 -12.28 7.50 -8.42
C CYS A 38 -12.44 6.25 -7.56
N LEU A 39 -11.31 5.73 -7.07
CA LEU A 39 -11.27 4.44 -6.41
C LEU A 39 -10.55 4.54 -5.07
N SER A 40 -11.19 4.00 -4.02
CA SER A 40 -10.57 3.84 -2.72
C SER A 40 -10.30 2.35 -2.49
N MET A 41 -9.15 2.04 -1.89
CA MET A 41 -8.76 0.66 -1.66
C MET A 41 -9.84 -0.08 -0.88
N PHE A 42 -10.38 -1.13 -1.50
CA PHE A 42 -11.50 -1.85 -0.90
C PHE A 42 -11.06 -2.60 0.35
N PRO A 43 -11.95 -2.75 1.33
CA PRO A 43 -11.54 -3.22 2.65
C PRO A 43 -11.64 -4.73 2.82
N TYR A 44 -10.91 -5.22 3.82
CA TYR A 44 -11.17 -6.56 4.33
C TYR A 44 -12.49 -6.55 5.09
N PRO A 45 -13.42 -7.45 4.79
CA PRO A 45 -14.66 -7.51 5.58
C PRO A 45 -14.42 -8.07 6.98
N SER A 46 -13.76 -7.28 7.83
CA SER A 46 -13.28 -7.77 9.11
C SER A 46 -14.38 -7.91 10.15
N GLY A 47 -15.51 -7.24 9.97
CA GLY A 47 -16.57 -7.29 10.96
C GLY A 47 -17.36 -6.00 11.01
N LYS A 48 -16.66 -4.88 11.16
CA LYS A 48 -17.29 -3.57 11.13
C LYS A 48 -16.24 -2.55 10.74
N LEU A 49 -16.72 -1.39 10.29
CA LEU A 49 -15.82 -0.31 9.91
C LEU A 49 -15.07 0.21 11.14
N HIS A 50 -13.83 0.63 10.92
CA HIS A 50 -13.09 1.40 11.91
C HIS A 50 -12.84 2.80 11.34
N MET A 51 -12.16 3.63 12.14
CA MET A 51 -12.03 5.04 11.79
C MET A 51 -11.16 5.23 10.55
N GLY A 52 -10.23 4.30 10.28
CA GLY A 52 -9.44 4.38 9.07
C GLY A 52 -10.28 4.20 7.82
N HIS A 53 -11.24 3.28 7.86
CA HIS A 53 -12.16 3.11 6.75
C HIS A 53 -12.93 4.40 6.48
N VAL A 54 -13.45 5.03 7.54
CA VAL A 54 -14.28 6.21 7.37
C VAL A 54 -13.49 7.35 6.73
N ARG A 55 -12.24 7.54 7.17
CA ARG A 55 -11.44 8.62 6.60
C ARG A 55 -11.13 8.35 5.13
N ASN A 56 -10.73 7.12 4.81
CA ASN A 56 -10.36 6.80 3.43
C ASN A 56 -11.54 7.01 2.49
N TYR A 57 -12.71 6.50 2.87
CA TYR A 57 -13.86 6.52 1.96
C TYR A 57 -14.59 7.86 1.97
N THR A 58 -14.44 8.66 3.03
CA THR A 58 -14.91 10.05 2.97
C THR A 58 -14.06 10.85 2.00
N ILE A 59 -12.74 10.67 2.04
CA ILE A 59 -11.85 11.34 1.09
C ILE A 59 -12.23 10.98 -0.33
N GLY A 60 -12.43 9.68 -0.59
CA GLY A 60 -12.84 9.27 -1.92
C GLY A 60 -14.19 9.84 -2.32
N ASP A 61 -15.10 9.99 -1.36
CA ASP A 61 -16.43 10.52 -1.67
C ASP A 61 -16.38 12.03 -1.91
N VAL A 62 -15.50 12.75 -1.22
CA VAL A 62 -15.34 14.18 -1.47
C VAL A 62 -14.89 14.41 -2.90
N LEU A 63 -13.87 13.67 -3.35
CA LEU A 63 -13.35 13.84 -4.71
C LEU A 63 -14.35 13.36 -5.75
N SER A 64 -15.10 12.31 -5.45
CA SER A 64 -16.07 11.79 -6.40
C SER A 64 -17.23 12.77 -6.59
N ARG A 65 -17.80 13.25 -5.48
CA ARG A 65 -18.91 14.20 -5.58
C ARG A 65 -18.46 15.52 -6.19
N PHE A 66 -17.21 15.91 -5.97
CA PHE A 66 -16.70 17.13 -6.60
C PHE A 66 -16.66 16.99 -8.12
N LYS A 67 -16.16 15.85 -8.61
CA LYS A 67 -16.17 15.61 -10.05
C LYS A 67 -17.60 15.40 -10.57
N LEU A 68 -18.47 14.82 -9.74
CA LEU A 68 -19.87 14.67 -10.14
C LEU A 68 -20.52 16.02 -10.37
N LEU A 69 -20.30 16.97 -9.47
CA LEU A 69 -20.86 18.31 -9.62
C LEU A 69 -20.28 19.04 -10.82
N ASN A 70 -19.09 18.67 -11.27
CA ASN A 70 -18.46 19.28 -12.43
C ASN A 70 -18.81 18.59 -13.74
N GLY A 71 -19.82 17.72 -13.75
CA GLY A 71 -20.33 17.15 -14.98
C GLY A 71 -19.70 15.85 -15.42
N PHE A 72 -18.85 15.23 -14.60
CA PHE A 72 -18.20 13.99 -14.99
C PHE A 72 -19.12 12.79 -14.76
N ASN A 73 -18.93 11.75 -15.56
CA ASN A 73 -19.59 10.46 -15.37
C ASN A 73 -18.72 9.65 -14.41
N VAL A 74 -19.04 9.74 -13.12
CA VAL A 74 -18.16 9.30 -12.05
C VAL A 74 -18.51 7.87 -11.65
N MET A 75 -17.52 6.99 -11.69
CA MET A 75 -17.64 5.65 -11.13
C MET A 75 -16.83 5.60 -9.84
N GLN A 76 -17.52 5.32 -8.73
CA GLN A 76 -16.88 5.12 -7.43
C GLN A 76 -17.34 3.78 -6.89
N PRO A 77 -16.62 2.71 -7.18
CA PRO A 77 -17.06 1.37 -6.78
C PRO A 77 -16.47 0.93 -5.45
N MET A 78 -17.17 0.00 -4.81
CA MET A 78 -16.72 -0.59 -3.57
C MET A 78 -16.91 -2.09 -3.61
N GLY A 79 -16.08 -2.80 -2.84
CA GLY A 79 -16.11 -4.25 -2.83
C GLY A 79 -15.40 -4.76 -1.60
N TRP A 80 -15.15 -6.07 -1.60
CA TRP A 80 -14.67 -6.74 -0.40
C TRP A 80 -13.48 -7.64 -0.72
N ASP A 81 -12.32 -7.29 -0.17
CA ASP A 81 -11.11 -8.12 -0.22
C ASP A 81 -11.28 -9.21 0.82
N ALA A 82 -11.98 -10.28 0.43
CA ALA A 82 -12.60 -11.20 1.37
C ALA A 82 -11.71 -12.36 1.81
N PHE A 83 -10.77 -12.80 0.99
CA PHE A 83 -9.93 -13.91 1.38
C PHE A 83 -8.87 -13.46 2.38
N GLY A 84 -8.35 -14.43 3.13
CA GLY A 84 -7.30 -14.13 4.09
C GLY A 84 -7.42 -14.87 5.41
N MET A 85 -6.50 -14.58 6.33
CA MET A 85 -6.38 -15.24 7.62
C MET A 85 -7.42 -14.82 8.67
N PRO A 86 -7.84 -13.55 8.74
CA PRO A 86 -8.83 -13.17 9.77
C PRO A 86 -10.07 -14.06 9.80
N ALA A 87 -10.53 -14.55 8.64
CA ALA A 87 -11.69 -15.43 8.63
C ALA A 87 -11.35 -16.81 9.18
N GLU A 88 -10.13 -17.29 8.95
CA GLU A 88 -9.73 -18.59 9.49
C GLU A 88 -9.57 -18.54 11.00
N ASN A 89 -9.02 -17.45 11.52
CA ASN A 89 -8.82 -17.33 12.96
C ASN A 89 -10.15 -17.22 13.70
N ALA A 90 -11.07 -16.39 13.18
CA ALA A 90 -12.40 -16.33 13.76
C ALA A 90 -13.12 -17.66 13.62
N ALA A 91 -12.76 -18.46 12.61
CA ALA A 91 -13.33 -19.79 12.47
C ALA A 91 -12.83 -20.73 13.56
N MET A 92 -11.55 -20.63 13.91
CA MET A 92 -10.98 -21.47 14.97
C MET A 92 -11.38 -21.00 16.36
N LYS A 93 -11.82 -19.74 16.50
CA LYS A 93 -12.26 -19.20 17.78
C LYS A 93 -13.76 -19.31 18.01
N ASN A 94 -14.58 -19.21 16.95
CA ASN A 94 -16.02 -19.19 17.09
C ASN A 94 -16.71 -20.38 16.45
N ASN A 95 -15.97 -21.34 15.90
CA ASN A 95 -16.52 -22.59 15.36
C ASN A 95 -17.53 -22.31 14.25
N VAL A 96 -17.19 -21.37 13.36
CA VAL A 96 -18.02 -21.02 12.22
C VAL A 96 -17.20 -21.19 10.95
N ALA A 97 -17.89 -21.19 9.82
CA ALA A 97 -17.19 -21.31 8.55
C ALA A 97 -16.67 -19.94 8.11
N PRO A 98 -15.44 -19.87 7.61
CA PRO A 98 -14.91 -18.57 7.14
C PRO A 98 -15.79 -17.89 6.11
N ALA A 99 -16.48 -18.66 5.26
CA ALA A 99 -17.39 -18.04 4.29
C ALA A 99 -18.58 -17.39 4.98
N ALA A 100 -19.21 -18.12 5.90
CA ALA A 100 -20.34 -17.56 6.63
C ALA A 100 -19.94 -16.35 7.45
N TRP A 101 -18.79 -16.43 8.12
CA TRP A 101 -18.27 -15.29 8.88
C TRP A 101 -18.01 -14.10 7.95
N THR A 102 -17.53 -14.36 6.74
CA THR A 102 -17.22 -13.29 5.80
C THR A 102 -18.50 -12.63 5.27
N TYR A 103 -19.44 -13.43 4.80
CA TYR A 103 -20.65 -12.88 4.19
C TYR A 103 -21.51 -12.10 5.18
N ASP A 104 -21.50 -12.50 6.45
CA ASP A 104 -22.24 -11.72 7.45
C ASP A 104 -21.55 -10.40 7.73
N ASN A 105 -20.23 -10.40 7.80
CA ASN A 105 -19.49 -9.14 7.96
C ASN A 105 -19.72 -8.22 6.78
N ILE A 106 -19.76 -8.78 5.56
CA ILE A 106 -19.98 -7.98 4.37
C ILE A 106 -21.32 -7.26 4.45
N GLU A 107 -22.36 -7.98 4.85
CA GLU A 107 -23.70 -7.37 4.93
C GLU A 107 -23.74 -6.24 5.94
N TYR A 108 -23.12 -6.44 7.11
CA TYR A 108 -23.18 -5.41 8.14
C TYR A 108 -22.34 -4.19 7.75
N MET A 109 -21.13 -4.40 7.23
CA MET A 109 -20.29 -3.28 6.85
C MET A 109 -20.87 -2.52 5.66
N LYS A 110 -21.56 -3.22 4.75
CA LYS A 110 -22.23 -2.53 3.65
C LYS A 110 -23.31 -1.59 4.16
N THR A 111 -24.03 -1.99 5.21
CA THR A 111 -25.03 -1.11 5.81
C THR A 111 -24.37 0.14 6.39
N GLN A 112 -23.23 -0.03 7.06
CA GLN A 112 -22.52 1.12 7.63
C GLN A 112 -22.08 2.08 6.55
N LEU A 113 -21.51 1.55 5.46
CA LEU A 113 -21.07 2.41 4.36
C LEU A 113 -22.24 3.18 3.75
N LYS A 114 -23.38 2.52 3.58
CA LYS A 114 -24.56 3.20 3.05
C LYS A 114 -25.03 4.30 4.01
N SER A 115 -25.01 4.03 5.31
CA SER A 115 -25.43 5.03 6.29
C SER A 115 -24.52 6.26 6.27
N LEU A 116 -23.28 6.12 5.79
CA LEU A 116 -22.38 7.25 5.68
C LEU A 116 -22.63 8.09 4.44
N GLY A 117 -23.50 7.64 3.54
CA GLY A 117 -23.87 8.45 2.40
C GLY A 117 -22.84 8.52 1.29
N PHE A 118 -22.01 7.50 1.15
CA PHE A 118 -21.03 7.48 0.07
C PHE A 118 -21.74 7.26 -1.26
N ALA A 119 -21.37 8.07 -2.26
CA ALA A 119 -21.98 8.01 -3.59
C ALA A 119 -21.32 6.87 -4.37
N VAL A 120 -21.71 5.64 -4.02
CA VAL A 120 -21.08 4.43 -4.51
C VAL A 120 -22.01 3.70 -5.46
N ASP A 121 -21.46 3.23 -6.57
CA ASP A 121 -22.20 2.37 -7.51
C ASP A 121 -22.21 0.96 -6.94
N TRP A 122 -23.24 0.66 -6.15
CA TRP A 122 -23.33 -0.65 -5.52
C TRP A 122 -23.68 -1.75 -6.52
N GLU A 123 -24.16 -1.38 -7.71
CA GLU A 123 -24.42 -2.38 -8.74
C GLU A 123 -23.14 -2.98 -9.32
N ARG A 124 -21.98 -2.41 -8.99
CA ARG A 124 -20.69 -2.95 -9.41
C ARG A 124 -19.94 -3.63 -8.27
N GLU A 125 -20.63 -3.89 -7.16
CA GLU A 125 -20.00 -4.51 -6.00
C GLU A 125 -19.42 -5.88 -6.35
N VAL A 126 -18.25 -6.18 -5.79
CA VAL A 126 -17.62 -7.49 -5.97
C VAL A 126 -17.24 -8.04 -4.61
N ALA A 127 -17.23 -9.37 -4.52
CA ALA A 127 -16.72 -10.10 -3.36
C ALA A 127 -15.69 -11.10 -3.86
N THR A 128 -14.44 -10.93 -3.44
CA THR A 128 -13.35 -11.69 -4.06
C THR A 128 -13.37 -13.17 -3.68
N CYS A 129 -14.12 -13.56 -2.64
CA CYS A 129 -14.23 -14.96 -2.28
C CYS A 129 -15.31 -15.67 -3.09
N LYS A 130 -16.05 -14.96 -3.94
CA LYS A 130 -17.06 -15.61 -4.77
C LYS A 130 -16.38 -16.24 -5.99
N PRO A 131 -16.82 -17.45 -6.39
CA PRO A 131 -16.23 -18.08 -7.57
C PRO A 131 -16.36 -17.26 -8.84
N GLU A 132 -17.41 -16.46 -8.97
CA GLU A 132 -17.56 -15.61 -10.15
C GLU A 132 -16.49 -14.52 -10.23
N TYR A 133 -15.73 -14.30 -9.17
CA TYR A 133 -14.61 -13.36 -9.20
C TYR A 133 -13.28 -14.08 -9.42
N TYR A 134 -12.89 -14.97 -8.49
CA TYR A 134 -11.55 -15.53 -8.54
C TYR A 134 -11.37 -16.55 -9.66
N ARG A 135 -12.42 -16.91 -10.37
CA ARG A 135 -12.26 -17.78 -11.53
C ARG A 135 -11.35 -17.15 -12.58
N TRP A 136 -11.33 -15.81 -12.63
CA TRP A 136 -10.59 -15.12 -13.68
C TRP A 136 -9.12 -14.95 -13.34
N GLU A 137 -8.77 -14.87 -12.04
CA GLU A 137 -7.37 -14.91 -11.69
C GLU A 137 -6.80 -16.32 -11.79
N GLN A 138 -7.64 -17.34 -11.55
CA GLN A 138 -7.24 -18.70 -11.89
C GLN A 138 -7.02 -18.83 -13.39
N TRP A 139 -7.86 -18.17 -14.18
CA TRP A 139 -7.71 -18.22 -15.64
C TRP A 139 -6.40 -17.59 -16.07
N LEU A 140 -6.12 -16.38 -15.58
CA LEU A 140 -4.85 -15.73 -15.90
C LEU A 140 -3.67 -16.56 -15.43
N PHE A 141 -3.82 -17.21 -14.27
CA PHE A 141 -2.78 -18.09 -13.75
C PHE A 141 -2.43 -19.17 -14.77
N THR A 142 -3.45 -19.86 -15.29
CA THR A 142 -3.20 -20.93 -16.25
C THR A 142 -2.56 -20.40 -17.53
N LYS A 143 -3.02 -19.24 -18.00
CA LYS A 143 -2.45 -18.66 -19.21
C LYS A 143 -0.97 -18.30 -19.02
N LEU A 144 -0.63 -17.75 -17.86
CA LEU A 144 0.75 -17.40 -17.59
C LEU A 144 1.59 -18.63 -17.25
N PHE A 145 0.99 -19.66 -16.67
CA PHE A 145 1.73 -20.88 -16.38
C PHE A 145 2.20 -21.57 -17.66
N GLU A 146 1.36 -21.56 -18.68
CA GLU A 146 1.72 -22.19 -19.95
C GLU A 146 2.81 -21.39 -20.67
N LYS A 147 2.86 -20.07 -20.46
CA LYS A 147 3.88 -19.23 -21.05
C LYS A 147 5.17 -19.19 -20.24
N GLY A 148 5.19 -19.80 -19.06
CA GLY A 148 6.35 -19.77 -18.20
C GLY A 148 6.46 -18.54 -17.32
N ILE A 149 5.53 -17.60 -17.41
CA ILE A 149 5.54 -16.45 -16.52
C ILE A 149 5.24 -16.87 -15.09
N VAL A 150 4.40 -17.89 -14.92
CA VAL A 150 4.22 -18.55 -13.63
C VAL A 150 4.92 -19.90 -13.70
N TYR A 151 5.75 -20.20 -12.70
CA TYR A 151 6.51 -21.44 -12.69
C TYR A 151 6.52 -22.04 -11.29
N ARG A 152 6.93 -23.30 -11.22
CA ARG A 152 6.92 -24.08 -10.00
C ARG A 152 8.36 -24.48 -9.67
N LYS A 153 8.81 -24.14 -8.46
CA LYS A 153 10.14 -24.54 -8.02
C LYS A 153 10.15 -24.64 -6.50
N ASN A 154 11.11 -25.40 -5.99
CA ASN A 154 11.23 -25.59 -4.55
C ASN A 154 11.68 -24.31 -3.87
N GLY A 155 11.08 -24.03 -2.70
CA GLY A 155 11.50 -22.92 -1.89
C GLY A 155 11.51 -23.32 -0.42
N THR A 156 12.10 -22.46 0.40
CA THR A 156 12.25 -22.70 1.83
C THR A 156 11.19 -21.94 2.60
N VAL A 157 10.51 -22.64 3.52
CA VAL A 157 9.48 -22.04 4.36
C VAL A 157 9.84 -22.32 5.83
N ASN A 158 9.13 -21.62 6.71
CA ASN A 158 9.26 -21.80 8.15
C ASN A 158 8.09 -22.66 8.62
N TRP A 159 8.37 -23.88 9.06
CA TRP A 159 7.35 -24.82 9.47
C TRP A 159 7.25 -24.83 10.99
N ASP A 160 6.04 -24.57 11.50
CA ASP A 160 5.77 -24.68 12.92
C ASP A 160 5.21 -26.07 13.19
N PRO A 161 5.92 -26.94 13.90
CA PRO A 161 5.43 -28.32 14.09
C PRO A 161 4.35 -28.47 15.15
N VAL A 162 4.12 -27.46 15.99
CA VAL A 162 3.07 -27.54 17.00
C VAL A 162 1.73 -27.08 16.44
N ASP A 163 1.72 -25.96 15.73
CA ASP A 163 0.51 -25.49 15.07
C ASP A 163 0.31 -26.12 13.69
N GLN A 164 1.28 -26.88 13.20
CA GLN A 164 1.19 -27.59 11.92
C GLN A 164 0.84 -26.62 10.78
N THR A 165 1.60 -25.52 10.71
CA THR A 165 1.34 -24.51 9.71
C THR A 165 2.63 -23.81 9.32
N VAL A 166 2.62 -23.22 8.13
CA VAL A 166 3.73 -22.41 7.62
C VAL A 166 3.56 -20.99 8.14
N LEU A 167 4.68 -20.38 8.55
CA LEU A 167 4.67 -19.03 9.11
C LEU A 167 5.61 -18.13 8.31
N ALA A 168 5.21 -16.87 8.15
CA ALA A 168 6.08 -15.89 7.55
C ALA A 168 7.20 -15.51 8.51
N ASN A 169 8.23 -14.84 7.97
CA ASN A 169 9.33 -14.39 8.81
C ASN A 169 8.86 -13.45 9.91
N GLU A 170 7.81 -12.67 9.65
CA GLU A 170 7.27 -11.78 10.67
C GLU A 170 6.61 -12.53 11.81
N GLN A 171 6.27 -13.81 11.60
CA GLN A 171 5.63 -14.62 12.63
C GLN A 171 6.64 -15.48 13.40
N VAL A 172 7.93 -15.28 13.18
CA VAL A 172 8.98 -16.02 13.86
C VAL A 172 9.73 -15.07 14.79
N ILE A 173 9.79 -15.43 16.07
CA ILE A 173 10.50 -14.64 17.08
C ILE A 173 11.53 -15.55 17.73
N ASP A 174 12.81 -15.17 17.61
CA ASP A 174 13.92 -15.94 18.18
C ASP A 174 13.91 -17.38 17.71
N GLY A 175 13.49 -17.59 16.46
CA GLY A 175 13.42 -18.93 15.90
C GLY A 175 12.21 -19.74 16.31
N ARG A 176 11.25 -19.13 17.00
CA ARG A 176 10.07 -19.84 17.49
C ARG A 176 8.80 -19.19 16.95
N GLY A 177 7.74 -19.99 16.86
CA GLY A 177 6.48 -19.47 16.37
C GLY A 177 5.89 -18.44 17.33
N TRP A 178 5.17 -17.48 16.75
CA TRP A 178 4.65 -16.37 17.55
C TRP A 178 3.58 -16.84 18.54
N ARG A 179 2.78 -17.82 18.14
CA ARG A 179 1.70 -18.32 18.99
C ARG A 179 2.08 -19.60 19.73
N SER A 180 2.70 -20.55 19.04
CA SER A 180 3.02 -21.82 19.67
C SER A 180 4.23 -21.69 20.59
N GLY A 181 5.18 -20.82 20.24
CA GLY A 181 6.42 -20.76 20.97
C GLY A 181 7.36 -21.92 20.68
N ALA A 182 7.06 -22.73 19.69
CA ALA A 182 7.89 -23.88 19.34
C ALA A 182 8.90 -23.49 18.27
N LEU A 183 10.08 -24.10 18.34
CA LEU A 183 11.11 -23.87 17.34
C LEU A 183 10.61 -24.21 15.95
N ILE A 184 10.79 -23.28 15.01
CA ILE A 184 10.35 -23.50 13.64
C ILE A 184 11.40 -24.30 12.89
N GLU A 185 10.95 -25.01 11.87
CA GLU A 185 11.82 -25.86 11.06
C GLU A 185 11.85 -25.36 9.62
N LYS A 186 13.04 -25.29 9.04
CA LYS A 186 13.19 -24.87 7.65
C LYS A 186 12.95 -26.08 6.75
N ARG A 187 11.99 -25.96 5.84
CA ARG A 187 11.62 -27.05 4.95
C ARG A 187 11.58 -26.57 3.50
N GLU A 188 12.03 -27.43 2.60
CA GLU A 188 11.95 -27.18 1.16
C GLU A 188 10.66 -27.80 0.62
N ILE A 189 9.79 -26.97 0.07
CA ILE A 189 8.55 -27.46 -0.54
C ILE A 189 8.38 -26.82 -1.92
N PRO A 190 7.76 -27.52 -2.87
CA PRO A 190 7.51 -26.91 -4.18
C PRO A 190 6.45 -25.84 -4.08
N MET A 191 6.72 -24.68 -4.70
CA MET A 191 5.81 -23.55 -4.66
C MET A 191 5.80 -22.87 -6.03
N TYR A 192 4.77 -22.06 -6.25
CA TYR A 192 4.57 -21.36 -7.51
C TYR A 192 5.02 -19.91 -7.40
N TYR A 193 5.55 -19.40 -8.51
CA TYR A 193 6.13 -18.06 -8.53
C TYR A 193 5.71 -17.33 -9.81
N PHE A 194 5.41 -16.04 -9.66
CA PHE A 194 5.28 -15.15 -10.81
C PHE A 194 6.66 -14.63 -11.18
N LYS A 195 7.01 -14.77 -12.46
CA LYS A 195 8.33 -14.32 -12.93
C LYS A 195 8.33 -12.80 -13.11
N ILE A 196 8.13 -12.10 -11.99
CA ILE A 196 8.01 -10.64 -12.02
C ILE A 196 9.33 -9.99 -12.40
N THR A 197 10.46 -10.69 -12.23
CA THR A 197 11.75 -10.13 -12.64
C THR A 197 11.84 -9.96 -14.14
N ASP A 198 11.01 -10.66 -14.92
CA ASP A 198 10.96 -10.42 -16.36
C ASP A 198 10.38 -9.06 -16.70
N TYR A 199 9.65 -8.44 -15.76
CA TYR A 199 9.07 -7.11 -15.96
C TYR A 199 9.74 -6.05 -15.09
N ALA A 200 10.93 -6.35 -14.55
CA ALA A 200 11.58 -5.42 -13.63
C ALA A 200 11.93 -4.10 -14.32
N GLU A 201 12.47 -4.17 -15.53
CA GLU A 201 12.85 -2.95 -16.24
C GLU A 201 11.62 -2.13 -16.61
N GLU A 202 10.52 -2.80 -16.99
CA GLU A 202 9.29 -2.09 -17.29
C GLU A 202 8.72 -1.43 -16.05
N LEU A 203 8.68 -2.16 -14.93
CA LEU A 203 8.11 -1.63 -13.70
C LEU A 203 8.93 -0.47 -13.14
N LEU A 204 10.24 -0.47 -13.37
CA LEU A 204 11.07 0.62 -12.89
C LEU A 204 10.90 1.87 -13.76
N ASN A 205 11.06 1.71 -15.07
CA ASN A 205 11.08 2.87 -15.96
C ASN A 205 9.72 3.52 -16.09
N ASP A 206 8.64 2.73 -16.05
CA ASP A 206 7.30 3.30 -16.17
C ASP A 206 6.92 4.17 -14.99
N LEU A 207 7.63 4.06 -13.87
CA LEU A 207 7.39 4.95 -12.74
C LEU A 207 7.58 6.41 -13.12
N ASP A 208 8.48 6.69 -14.07
CA ASP A 208 8.68 8.05 -14.54
C ASP A 208 7.43 8.64 -15.16
N LYS A 209 6.51 7.81 -15.64
CA LYS A 209 5.27 8.31 -16.22
C LYS A 209 4.30 8.84 -15.16
N LEU A 210 4.47 8.42 -13.90
CA LEU A 210 3.50 8.73 -12.85
C LEU A 210 3.81 10.09 -12.24
N GLU A 211 3.55 11.14 -13.04
CA GLU A 211 3.80 12.51 -12.59
C GLU A 211 2.92 12.92 -11.43
N HIS A 212 1.77 12.27 -11.24
CA HIS A 212 0.82 12.63 -10.19
C HIS A 212 0.82 11.61 -9.05
N TRP A 213 1.95 10.95 -8.83
CA TRP A 213 2.19 10.14 -7.66
C TRP A 213 3.15 10.86 -6.71
N PRO A 214 3.03 10.63 -5.41
CA PRO A 214 4.04 11.18 -4.49
C PRO A 214 5.41 10.59 -4.80
N GLU A 215 6.41 11.48 -4.87
CA GLU A 215 7.77 11.02 -5.14
C GLU A 215 8.25 10.03 -4.08
N GLN A 216 7.67 10.09 -2.88
CA GLN A 216 8.00 9.14 -1.83
C GLN A 216 7.65 7.71 -2.26
N VAL A 217 6.45 7.53 -2.81
CA VAL A 217 6.02 6.19 -3.20
C VAL A 217 6.86 5.66 -4.36
N LYS A 218 7.13 6.51 -5.34
CA LYS A 218 7.92 6.08 -6.49
C LYS A 218 9.35 5.75 -6.07
N THR A 219 9.92 6.53 -5.15
CA THR A 219 11.25 6.22 -4.65
C THR A 219 11.28 4.88 -3.92
N MET A 220 10.23 4.58 -3.14
CA MET A 220 10.16 3.29 -2.47
C MET A 220 10.09 2.14 -3.47
N GLN A 221 9.41 2.35 -4.61
CA GLN A 221 9.33 1.29 -5.60
C GLN A 221 10.65 1.11 -6.33
N ARG A 222 11.36 2.21 -6.61
CA ARG A 222 12.68 2.10 -7.24
C ARG A 222 13.64 1.36 -6.33
N ASN A 223 13.63 1.68 -5.03
CA ASN A 223 14.53 0.99 -4.10
C ASN A 223 14.16 -0.48 -3.96
N TRP A 224 12.86 -0.79 -4.01
CA TRP A 224 12.44 -2.18 -3.88
C TRP A 224 12.88 -3.00 -5.09
N ILE A 225 12.68 -2.45 -6.29
CA ILE A 225 13.16 -3.12 -7.50
C ILE A 225 14.68 -3.22 -7.48
N GLY A 226 15.34 -2.14 -7.05
CA GLY A 226 16.77 -2.17 -6.80
C GLY A 226 17.64 -2.51 -7.99
N LYS A 227 17.45 -1.80 -9.10
CA LYS A 227 18.31 -1.99 -10.27
C LYS A 227 19.69 -1.41 -10.01
N SER A 228 20.72 -2.12 -10.46
CA SER A 228 22.09 -1.64 -10.38
C SER A 228 22.86 -2.10 -11.60
N ARG A 229 23.71 -1.21 -12.13
CA ARG A 229 24.62 -1.54 -13.21
C ARG A 229 26.03 -1.61 -12.61
N GLY A 230 26.54 -2.82 -12.45
CA GLY A 230 27.80 -3.04 -11.76
C GLY A 230 28.74 -3.89 -12.61
N MET A 231 29.52 -4.72 -11.92
CA MET A 231 30.56 -5.51 -12.55
C MET A 231 30.62 -6.89 -11.91
N THR A 232 30.73 -7.91 -12.76
CA THR A 232 31.06 -9.26 -12.30
C THR A 232 32.58 -9.36 -12.24
N VAL A 233 33.11 -9.72 -11.08
CA VAL A 233 34.55 -9.81 -10.89
C VAL A 233 34.89 -11.20 -10.36
N ARG A 234 35.86 -11.86 -10.99
CA ARG A 234 36.28 -13.20 -10.60
C ARG A 234 37.64 -13.13 -9.91
N PHE A 235 37.68 -13.55 -8.66
CA PHE A 235 38.92 -13.62 -7.88
C PHE A 235 39.45 -15.05 -7.94
N ALA A 236 40.63 -15.22 -8.53
CA ALA A 236 41.23 -16.55 -8.60
C ALA A 236 41.52 -17.08 -7.20
N VAL A 237 41.19 -18.35 -6.99
CA VAL A 237 41.42 -18.99 -5.70
C VAL A 237 42.89 -19.35 -5.59
N SER A 238 43.50 -18.99 -4.47
CA SER A 238 44.91 -19.31 -4.24
C SER A 238 45.12 -20.82 -4.22
N ASP A 239 46.33 -21.23 -4.60
CA ASP A 239 46.62 -22.67 -4.70
C ASP A 239 46.53 -23.36 -3.34
N ASP A 240 46.77 -22.64 -2.25
CA ASP A 240 46.71 -23.22 -0.92
C ASP A 240 45.30 -23.26 -0.34
N SER A 241 44.28 -22.95 -1.14
CA SER A 241 42.91 -22.82 -0.64
C SER A 241 41.90 -23.63 -1.46
N LYS A 242 42.37 -24.59 -2.24
CA LYS A 242 41.51 -25.32 -3.16
C LYS A 242 40.98 -26.64 -2.61
N GLN A 243 41.27 -26.95 -1.34
CA GLN A 243 40.82 -28.21 -0.76
C GLN A 243 39.30 -28.22 -0.64
N GLY A 244 38.68 -29.32 -1.07
CA GLY A 244 37.25 -29.51 -0.95
C GLY A 244 36.40 -28.76 -1.96
N LEU A 245 37.02 -28.09 -2.92
CA LEU A 245 36.28 -27.29 -3.90
C LEU A 245 36.09 -28.08 -5.19
N GLU A 246 35.00 -27.79 -5.89
CA GLU A 246 34.61 -28.52 -7.10
C GLU A 246 34.20 -27.54 -8.19
N GLY A 247 34.53 -27.90 -9.43
CA GLY A 247 34.06 -27.11 -10.57
C GLY A 247 34.75 -25.76 -10.64
N ASP A 248 33.99 -24.75 -11.07
CA ASP A 248 34.52 -23.39 -11.16
C ASP A 248 34.85 -22.81 -9.79
N TYR A 249 34.25 -23.35 -8.72
CA TYR A 249 34.56 -22.87 -7.38
C TYR A 249 35.97 -23.22 -6.94
N ALA A 250 36.59 -24.20 -7.59
CA ALA A 250 38.00 -24.50 -7.34
C ALA A 250 38.93 -23.59 -8.13
N LYS A 251 38.41 -22.89 -9.13
CA LYS A 251 39.21 -22.00 -9.97
C LYS A 251 39.15 -20.55 -9.53
N PHE A 252 37.95 -20.04 -9.24
CA PHE A 252 37.79 -18.63 -8.92
C PHE A 252 36.61 -18.43 -7.99
N LEU A 253 36.61 -17.29 -7.31
CA LEU A 253 35.46 -16.79 -6.57
C LEU A 253 34.85 -15.64 -7.36
N GLN A 254 33.60 -15.82 -7.79
CA GLN A 254 32.91 -14.79 -8.57
C GLN A 254 32.08 -13.92 -7.64
N VAL A 255 32.18 -12.61 -7.83
CA VAL A 255 31.43 -11.64 -7.02
C VAL A 255 30.82 -10.59 -7.93
N TYR A 256 29.89 -9.83 -7.37
CA TYR A 256 29.26 -8.71 -8.04
C TYR A 256 29.43 -7.46 -7.20
N THR A 257 29.83 -6.36 -7.85
CA THR A 257 30.01 -5.09 -7.15
C THR A 257 29.49 -3.95 -8.02
N THR A 258 28.89 -2.96 -7.39
CA THR A 258 28.47 -1.74 -8.05
C THR A 258 29.53 -0.65 -7.99
N ARG A 259 30.66 -0.91 -7.34
CA ARG A 259 31.76 0.04 -7.22
C ARG A 259 33.05 -0.57 -7.76
N PRO A 260 33.11 -0.87 -9.07
CA PRO A 260 34.34 -1.43 -9.63
C PRO A 260 35.49 -0.45 -9.66
N ASP A 261 35.21 0.85 -9.57
CA ASP A 261 36.24 1.86 -9.46
C ASP A 261 37.05 1.75 -8.17
N THR A 262 36.57 0.96 -7.21
CA THR A 262 37.26 0.78 -5.93
C THR A 262 37.88 -0.62 -5.80
N LEU A 263 38.05 -1.33 -6.91
CA LEU A 263 38.56 -2.70 -6.86
C LEU A 263 39.97 -2.74 -6.31
N MET A 264 40.77 -1.70 -6.55
CA MET A 264 42.09 -1.62 -5.92
C MET A 264 42.02 -1.38 -4.42
N GLY A 265 40.83 -1.22 -3.84
CA GLY A 265 40.74 -0.95 -2.42
C GLY A 265 40.10 -2.08 -1.65
N ALA A 266 39.88 -3.20 -2.32
CA ALA A 266 39.35 -4.39 -1.68
C ALA A 266 40.39 -4.96 -0.73
N THR A 267 40.01 -5.15 0.53
CA THR A 267 40.90 -5.69 1.55
C THR A 267 40.48 -7.07 2.05
N TYR A 268 39.27 -7.53 1.71
CA TYR A 268 38.82 -8.88 1.99
C TYR A 268 37.56 -9.12 1.16
N VAL A 269 37.11 -10.38 1.14
CA VAL A 269 35.89 -10.76 0.45
C VAL A 269 35.04 -11.59 1.40
N ALA A 270 33.73 -11.55 1.17
CA ALA A 270 32.77 -12.24 2.04
C ALA A 270 31.85 -13.11 1.19
N VAL A 271 31.53 -14.29 1.70
CA VAL A 271 30.67 -15.23 1.01
C VAL A 271 29.50 -15.62 1.92
N ALA A 272 28.44 -16.11 1.29
CA ALA A 272 27.27 -16.54 2.04
C ALA A 272 27.54 -17.85 2.77
N ALA A 273 26.65 -18.18 3.70
CA ALA A 273 26.81 -19.41 4.48
C ALA A 273 26.71 -20.65 3.61
N GLU A 274 25.87 -20.60 2.57
CA GLU A 274 25.71 -21.74 1.66
C GLU A 274 26.75 -21.79 0.56
N HIS A 275 27.66 -20.82 0.51
CA HIS A 275 28.65 -20.78 -0.56
C HIS A 275 29.58 -21.98 -0.47
N PRO A 276 29.98 -22.56 -1.60
CA PRO A 276 30.90 -23.72 -1.55
C PRO A 276 32.20 -23.45 -0.82
N LEU A 277 32.74 -22.24 -0.92
CA LEU A 277 33.95 -21.91 -0.16
C LEU A 277 33.69 -21.97 1.34
N ALA A 278 32.52 -21.52 1.77
CA ALA A 278 32.14 -21.65 3.17
C ALA A 278 32.02 -23.12 3.57
N THR A 279 31.40 -23.93 2.70
CA THR A 279 31.26 -25.36 2.99
C THR A 279 32.62 -26.04 3.08
N ALA A 280 33.51 -25.74 2.15
CA ALA A 280 34.83 -26.38 2.14
C ALA A 280 35.65 -25.97 3.36
N ALA A 281 35.62 -24.69 3.72
CA ALA A 281 36.38 -24.22 4.87
C ALA A 281 35.78 -24.70 6.18
N ALA A 282 34.46 -24.91 6.22
CA ALA A 282 33.80 -25.36 7.44
C ALA A 282 33.90 -26.86 7.65
N ALA A 283 34.26 -27.63 6.61
CA ALA A 283 34.37 -29.07 6.74
C ALA A 283 35.27 -29.48 7.90
N ASP A 284 36.26 -28.65 8.22
CA ASP A 284 37.14 -28.87 9.37
C ASP A 284 36.62 -28.13 10.59
N LYS A 285 36.45 -26.82 10.49
CA LYS A 285 36.32 -25.95 11.66
C LYS A 285 34.88 -25.96 12.18
N PRO A 286 34.65 -26.33 13.44
CA PRO A 286 33.27 -26.38 13.97
C PRO A 286 32.68 -25.01 14.25
N GLU A 287 33.52 -24.04 14.60
CA GLU A 287 33.03 -22.67 14.77
C GLU A 287 32.46 -22.12 13.47
N LEU A 288 33.05 -22.50 12.34
CA LEU A 288 32.46 -22.14 11.05
C LEU A 288 31.15 -22.89 10.83
N GLN A 289 31.09 -24.15 11.24
CA GLN A 289 29.85 -24.91 11.12
C GLN A 289 28.72 -24.28 11.92
N ALA A 290 29.03 -23.85 13.16
CA ALA A 290 28.01 -23.22 13.99
C ALA A 290 27.57 -21.88 13.41
N PHE A 291 28.51 -21.12 12.86
CA PHE A 291 28.16 -19.85 12.23
C PHE A 291 27.28 -20.08 11.01
N ILE A 292 27.60 -21.11 10.21
CA ILE A 292 26.77 -21.43 9.04
C ILE A 292 25.39 -21.88 9.50
N ALA A 293 25.32 -22.68 10.56
CA ALA A 293 24.04 -23.15 11.07
C ALA A 293 23.17 -22.00 11.55
N GLU A 294 23.78 -21.04 12.27
CA GLU A 294 23.01 -19.91 12.79
C GLU A 294 22.47 -19.05 11.65
N CYS A 295 23.25 -18.88 10.59
CA CYS A 295 22.79 -18.10 9.44
C CYS A 295 21.57 -18.75 8.80
N LYS A 296 21.62 -20.08 8.60
CA LYS A 296 20.50 -20.78 7.99
C LYS A 296 19.25 -20.75 8.88
N ALA A 297 19.44 -20.79 10.20
CA ALA A 297 18.31 -20.83 11.12
C ALA A 297 17.64 -19.46 11.29
N GLY A 298 18.21 -18.40 10.72
CA GLY A 298 17.62 -17.09 10.86
C GLY A 298 16.36 -16.94 10.02
N SER A 299 15.47 -16.08 10.50
CA SER A 299 14.20 -15.79 9.83
C SER A 299 13.94 -14.27 9.89
N VAL A 300 14.90 -13.49 9.40
CA VAL A 300 14.82 -12.04 9.46
C VAL A 300 14.06 -11.53 8.25
N ALA A 301 13.03 -10.71 8.49
CA ALA A 301 12.23 -10.16 7.40
C ALA A 301 13.04 -9.11 6.63
N GLU A 302 12.56 -8.80 5.43
CA GLU A 302 13.25 -7.83 4.57
C GLU A 302 13.28 -6.44 5.19
N ALA A 303 12.21 -6.07 5.91
CA ALA A 303 12.14 -4.74 6.52
C ALA A 303 13.13 -4.56 7.67
N ASP A 304 13.75 -5.63 8.15
CA ASP A 304 14.75 -5.54 9.22
C ASP A 304 16.13 -6.01 8.79
N MET A 305 16.34 -6.25 7.49
CA MET A 305 17.62 -6.79 7.03
C MET A 305 18.77 -5.83 7.33
N ALA A 306 18.55 -4.53 7.15
CA ALA A 306 19.61 -3.56 7.37
C ALA A 306 19.91 -3.36 8.86
N THR A 307 18.89 -3.53 9.70
CA THR A 307 19.09 -3.38 11.14
C THR A 307 19.81 -4.57 11.77
N MET A 308 19.79 -5.73 11.11
CA MET A 308 20.47 -6.91 11.63
C MET A 308 21.95 -6.62 11.86
N GLU A 309 22.45 -7.03 13.03
CA GLU A 309 23.87 -6.87 13.33
C GLU A 309 24.71 -7.71 12.39
N LYS A 310 25.62 -7.06 11.67
CA LYS A 310 26.45 -7.76 10.70
C LYS A 310 27.60 -8.48 11.40
N LYS A 311 27.71 -9.79 11.18
CA LYS A 311 28.74 -10.61 11.79
C LYS A 311 29.42 -11.46 10.74
N GLY A 312 30.60 -11.95 11.07
CA GLY A 312 31.36 -12.77 10.14
C GLY A 312 32.45 -13.57 10.82
N VAL A 313 32.94 -14.57 10.10
CA VAL A 313 34.05 -15.39 10.57
C VAL A 313 35.06 -15.56 9.44
N PRO A 314 36.36 -15.56 9.72
CA PRO A 314 37.34 -15.85 8.68
C PRO A 314 37.39 -17.34 8.37
N THR A 315 37.78 -17.64 7.13
CA THR A 315 37.82 -19.02 6.66
C THR A 315 39.21 -19.62 6.61
N GLY A 316 40.26 -18.79 6.56
CA GLY A 316 41.58 -19.30 6.29
C GLY A 316 41.86 -19.58 4.83
N ARG A 317 40.89 -19.32 3.95
CA ARG A 317 41.06 -19.45 2.51
C ARG A 317 41.27 -18.06 1.90
N TYR A 318 41.98 -18.03 0.77
CA TYR A 318 42.38 -16.77 0.16
C TYR A 318 42.09 -16.77 -1.33
N VAL A 319 41.84 -15.58 -1.86
CA VAL A 319 41.67 -15.34 -3.28
C VAL A 319 42.59 -14.20 -3.69
N VAL A 320 42.73 -14.02 -5.00
CA VAL A 320 43.66 -13.06 -5.57
C VAL A 320 42.88 -11.99 -6.32
N ASN A 321 43.12 -10.73 -5.98
CA ASN A 321 42.56 -9.60 -6.71
C ASN A 321 43.12 -9.61 -8.14
N PRO A 322 42.28 -9.67 -9.16
CA PRO A 322 42.80 -9.75 -10.53
C PRO A 322 43.45 -8.48 -11.03
N LEU A 323 43.26 -7.34 -10.36
CA LEU A 323 43.81 -6.08 -10.85
C LEU A 323 45.18 -5.76 -10.24
N ASN A 324 45.40 -6.11 -8.97
CA ASN A 324 46.69 -5.83 -8.33
C ASN A 324 47.35 -7.03 -7.71
N GLY A 325 46.75 -8.22 -7.80
CA GLY A 325 47.36 -9.42 -7.28
C GLY A 325 47.35 -9.57 -5.77
N ASP A 326 46.58 -8.75 -5.06
CA ASP A 326 46.53 -8.85 -3.61
C ASP A 326 45.87 -10.16 -3.19
N LYS A 327 46.48 -10.83 -2.21
CA LYS A 327 45.92 -12.05 -1.63
C LYS A 327 44.98 -11.63 -0.49
N LEU A 328 43.68 -11.87 -0.68
CA LEU A 328 42.66 -11.45 0.26
C LEU A 328 42.02 -12.66 0.91
N GLU A 329 41.70 -12.54 2.20
CA GLU A 329 41.08 -13.64 2.92
C GLU A 329 39.57 -13.66 2.69
N VAL A 330 39.01 -14.86 2.58
CA VAL A 330 37.58 -15.04 2.42
C VAL A 330 36.94 -15.13 3.80
N TRP A 331 35.86 -14.38 4.00
CA TRP A 331 35.08 -14.44 5.22
C TRP A 331 33.68 -14.96 4.91
N ILE A 332 33.10 -15.67 5.87
CA ILE A 332 31.68 -15.99 5.84
C ILE A 332 30.95 -14.90 6.62
N ALA A 333 29.96 -14.27 5.99
CA ALA A 333 29.24 -13.17 6.60
C ALA A 333 27.74 -13.42 6.53
N ASN A 334 27.03 -12.89 7.51
CA ASN A 334 25.58 -13.11 7.59
C ASN A 334 24.79 -12.19 6.66
N TYR A 335 25.39 -11.10 6.19
CA TYR A 335 24.69 -10.17 5.31
C TYR A 335 24.80 -10.56 3.84
N VAL A 336 25.62 -11.53 3.49
CA VAL A 336 25.71 -12.03 2.13
C VAL A 336 24.67 -13.12 1.95
N LEU A 337 23.71 -12.90 1.06
CA LEU A 337 22.54 -13.76 0.93
C LEU A 337 22.70 -14.66 -0.29
N TRP A 338 22.63 -15.97 -0.08
CA TRP A 338 22.65 -16.91 -1.18
C TRP A 338 21.42 -16.71 -2.07
N GLY A 339 21.66 -16.70 -3.38
CA GLY A 339 20.62 -16.41 -4.35
C GLY A 339 20.63 -14.98 -4.85
N TYR A 340 21.31 -14.07 -4.15
CA TYR A 340 21.48 -12.70 -4.60
C TYR A 340 22.81 -12.62 -5.35
N GLY A 341 22.73 -12.58 -6.68
CA GLY A 341 23.93 -12.55 -7.48
C GLY A 341 24.70 -13.85 -7.36
N ASP A 342 25.97 -13.75 -7.02
CA ASP A 342 26.84 -14.92 -6.87
C ASP A 342 26.88 -15.45 -5.45
N GLY A 343 26.11 -14.87 -4.52
CA GLY A 343 26.24 -15.24 -3.12
C GLY A 343 27.59 -14.90 -2.54
N ALA A 344 28.25 -13.88 -3.07
CA ALA A 344 29.58 -13.48 -2.62
C ALA A 344 29.83 -12.05 -3.04
N VAL A 345 30.53 -11.30 -2.19
CA VAL A 345 30.81 -9.89 -2.43
C VAL A 345 32.26 -9.60 -2.08
N MET A 346 32.75 -8.46 -2.57
CA MET A 346 34.00 -7.89 -2.11
C MET A 346 33.71 -6.75 -1.16
N ALA A 347 34.73 -6.34 -0.41
CA ALA A 347 34.57 -5.34 0.63
C ALA A 347 35.62 -4.25 0.46
N VAL A 348 35.16 -3.01 0.35
CA VAL A 348 36.04 -1.84 0.30
C VAL A 348 35.68 -0.97 1.51
N PRO A 349 36.28 -1.22 2.68
CA PRO A 349 35.85 -0.51 3.90
C PRO A 349 36.02 1.00 3.82
N ALA A 350 36.90 1.50 2.95
CA ALA A 350 37.15 2.93 2.90
C ALA A 350 36.03 3.71 2.20
N HIS A 351 35.18 3.04 1.42
CA HIS A 351 34.18 3.74 0.64
C HIS A 351 32.82 3.06 0.63
N ASP A 352 32.60 2.08 1.51
CA ASP A 352 31.29 1.50 1.75
C ASP A 352 31.09 1.44 3.26
N GLU A 353 30.03 2.07 3.75
CA GLU A 353 29.87 2.25 5.19
C GLU A 353 29.64 0.93 5.91
N ARG A 354 28.93 -0.01 5.28
CA ARG A 354 28.75 -1.32 5.91
C ARG A 354 30.08 -2.06 6.01
N ASP A 355 30.88 -2.01 4.95
CA ASP A 355 32.23 -2.59 5.02
C ASP A 355 33.10 -1.85 6.02
N PHE A 356 32.87 -0.53 6.18
CA PHE A 356 33.62 0.23 7.18
C PHE A 356 33.34 -0.28 8.58
N GLU A 357 32.05 -0.40 8.94
CA GLU A 357 31.69 -0.88 10.28
C GLU A 357 32.09 -2.34 10.46
N PHE A 358 31.99 -3.14 9.40
CA PHE A 358 32.44 -4.52 9.48
C PHE A 358 33.94 -4.60 9.73
N ALA A 359 34.72 -3.82 8.97
CA ALA A 359 36.17 -3.83 9.15
C ALA A 359 36.58 -3.21 10.47
N ALA A 360 35.86 -2.17 10.91
CA ALA A 360 36.17 -1.58 12.22
C ALA A 360 35.91 -2.56 13.35
N LYS A 361 34.92 -3.44 13.18
CA LYS A 361 34.61 -4.41 14.22
C LYS A 361 35.71 -5.45 14.34
N TYR A 362 36.22 -5.96 13.21
CA TYR A 362 37.20 -7.02 13.20
C TYR A 362 38.63 -6.52 12.93
N ASN A 363 38.83 -5.19 12.96
CA ASN A 363 40.14 -4.60 12.71
C ASN A 363 40.71 -5.04 11.36
N LEU A 364 39.85 -5.06 10.34
CA LEU A 364 40.27 -5.40 8.99
C LEU A 364 40.80 -4.16 8.28
N PRO A 365 41.70 -4.33 7.32
CA PRO A 365 42.36 -3.16 6.71
C PRO A 365 41.39 -2.30 5.92
N LYS A 366 41.68 -1.00 5.91
CA LYS A 366 40.92 -0.03 5.12
C LYS A 366 41.91 0.74 4.27
N LYS A 367 41.70 0.75 2.94
CA LYS A 367 42.60 1.38 2.00
C LYS A 367 41.83 2.38 1.16
N GLN A 368 42.19 3.66 1.27
CA GLN A 368 41.53 4.70 0.51
C GLN A 368 41.92 4.59 -0.97
N VAL A 369 40.91 4.63 -1.84
CA VAL A 369 41.13 4.68 -3.28
C VAL A 369 40.36 5.79 -3.97
N ILE A 370 39.57 6.58 -3.23
CA ILE A 370 38.82 7.69 -3.78
C ILE A 370 39.17 8.95 -3.00
N ALA A 371 39.32 10.07 -3.71
CA ALA A 371 39.56 11.36 -3.10
C ALA A 371 38.55 12.36 -3.63
N VAL A 372 38.01 13.20 -2.76
CA VAL A 372 37.02 14.21 -3.11
C VAL A 372 37.53 15.54 -2.60
N GLY A 373 37.98 16.41 -3.51
CA GLY A 373 38.53 17.68 -3.13
C GLY A 373 39.78 17.51 -2.29
N ASP A 374 39.98 18.43 -1.34
CA ASP A 374 41.06 18.36 -0.38
C ASP A 374 40.61 17.81 0.96
N ASN A 375 39.57 16.99 0.97
CA ASN A 375 39.02 16.47 2.22
C ASN A 375 40.01 15.53 2.88
N ALA A 376 39.98 15.52 4.22
CA ALA A 376 40.88 14.66 4.98
C ALA A 376 40.27 13.27 5.14
N PHE A 377 41.07 12.24 4.92
CA PHE A 377 40.63 10.86 5.09
C PHE A 377 41.15 10.34 6.43
N ASP A 378 40.24 9.88 7.27
CA ASP A 378 40.58 9.25 8.54
C ASP A 378 40.02 7.83 8.53
N ALA A 379 40.91 6.84 8.57
CA ALA A 379 40.50 5.44 8.57
C ALA A 379 39.79 5.03 9.86
N ASN A 380 39.69 5.91 10.85
CA ASN A 380 39.00 5.61 12.09
C ASN A 380 37.57 6.11 12.14
N ARG A 381 37.24 7.16 11.39
CA ARG A 381 35.91 7.73 11.40
C ARG A 381 35.34 7.78 9.99
N TRP A 382 34.13 7.28 9.82
CA TRP A 382 33.45 7.35 8.54
C TRP A 382 32.91 8.75 8.31
N GLN A 383 33.14 9.27 7.10
CA GLN A 383 32.55 10.53 6.66
C GLN A 383 31.72 10.27 5.42
N GLU A 384 30.72 11.12 5.20
CA GLU A 384 29.75 10.87 4.13
C GLU A 384 30.40 10.95 2.75
N TRP A 385 31.47 11.74 2.60
CA TRP A 385 32.10 11.86 1.29
C TRP A 385 32.90 10.62 0.92
N TYR A 386 33.11 9.68 1.85
CA TYR A 386 33.80 8.44 1.50
C TYR A 386 33.06 7.69 0.40
N GLY A 387 31.73 7.72 0.43
CA GLY A 387 30.91 7.06 -0.54
C GLY A 387 30.49 7.90 -1.74
N ASP A 388 31.06 9.09 -1.89
CA ASP A 388 30.72 9.95 -3.01
C ASP A 388 31.07 9.26 -4.33
N LYS A 389 30.10 9.21 -5.24
CA LYS A 389 30.24 8.48 -6.49
C LYS A 389 30.32 9.37 -7.71
N GLU A 390 30.29 10.69 -7.54
CA GLU A 390 30.29 11.62 -8.65
C GLU A 390 31.39 12.65 -8.59
N ASN A 391 31.70 13.18 -7.40
CA ASN A 391 32.73 14.19 -7.24
C ASN A 391 34.06 13.60 -6.76
N GLY A 392 34.24 12.30 -6.91
CA GLY A 392 35.44 11.63 -6.44
C GLY A 392 36.40 11.31 -7.56
N VAL A 393 37.68 11.21 -7.21
CA VAL A 393 38.74 10.87 -8.15
C VAL A 393 39.59 9.77 -7.53
N LEU A 394 40.15 8.91 -8.38
CA LEU A 394 40.83 7.71 -7.90
C LEU A 394 42.24 8.03 -7.43
N VAL A 395 42.62 7.41 -6.31
CA VAL A 395 43.98 7.47 -5.77
C VAL A 395 44.37 6.08 -5.33
N ASN A 396 45.68 5.87 -5.17
CA ASN A 396 46.23 4.59 -4.70
C ASN A 396 45.76 3.42 -5.58
N SER A 397 45.51 3.67 -6.86
CA SER A 397 44.97 2.66 -7.75
C SER A 397 45.90 2.40 -8.95
N GLY A 398 47.18 2.72 -8.84
CA GLY A 398 48.12 2.60 -9.94
C GLY A 398 47.77 3.31 -11.23
N ASP A 399 47.52 2.54 -12.30
CA ASP A 399 47.26 3.15 -13.60
C ASP A 399 45.89 3.82 -13.68
N LEU A 400 45.03 3.64 -12.67
CA LEU A 400 43.70 4.22 -12.68
C LEU A 400 43.62 5.57 -11.96
N ASP A 401 44.75 6.07 -11.45
CA ASP A 401 44.72 7.32 -10.70
C ASP A 401 44.30 8.48 -11.60
N GLY A 402 43.49 9.37 -11.05
CA GLY A 402 43.05 10.54 -11.76
C GLY A 402 41.72 10.39 -12.50
N LEU A 403 41.14 9.20 -12.51
CA LEU A 403 39.89 8.97 -13.22
C LEU A 403 38.70 9.20 -12.31
N ASP A 404 37.58 9.59 -12.91
CA ASP A 404 36.33 9.73 -12.18
C ASP A 404 35.62 8.38 -12.14
N PHE A 405 34.36 8.37 -11.72
CA PHE A 405 33.65 7.10 -11.54
C PHE A 405 33.44 6.40 -12.87
N GLN A 406 32.79 7.07 -13.84
CA GLN A 406 32.41 6.40 -15.07
C GLN A 406 33.63 6.03 -15.91
N THR A 407 34.65 6.89 -15.93
CA THR A 407 35.85 6.56 -16.69
C THR A 407 36.60 5.39 -16.08
N ALA A 408 36.73 5.36 -14.75
CA ALA A 408 37.36 4.22 -14.10
C ALA A 408 36.52 2.95 -14.25
N PHE A 409 35.19 3.09 -14.25
CA PHE A 409 34.32 1.94 -14.48
C PHE A 409 34.64 1.29 -15.82
N ASP A 410 34.74 2.09 -16.88
CA ASP A 410 35.00 1.55 -18.21
C ASP A 410 36.40 0.99 -18.33
N ALA A 411 37.38 1.62 -17.65
CA ALA A 411 38.74 1.12 -17.69
C ALA A 411 38.87 -0.20 -16.95
N VAL A 412 38.21 -0.33 -15.80
CA VAL A 412 38.23 -1.58 -15.05
C VAL A 412 37.57 -2.69 -15.85
N ALA A 413 36.45 -2.37 -16.51
CA ALA A 413 35.78 -3.37 -17.35
C ALA A 413 36.69 -3.82 -18.49
N ALA A 414 37.45 -2.89 -19.07
CA ALA A 414 38.36 -3.25 -20.15
C ALA A 414 39.48 -4.15 -19.64
N LYS A 415 40.07 -3.82 -18.49
CA LYS A 415 41.13 -4.65 -17.94
C LYS A 415 40.63 -6.04 -17.59
N LEU A 416 39.45 -6.12 -16.97
CA LEU A 416 38.91 -7.42 -16.57
C LEU A 416 38.54 -8.28 -17.78
N GLN A 417 37.93 -7.66 -18.80
CA GLN A 417 37.50 -8.43 -19.96
C GLN A 417 38.68 -8.93 -20.78
N SER A 418 39.74 -8.12 -20.89
CA SER A 418 40.88 -8.51 -21.71
C SER A 418 41.62 -9.71 -21.12
N GLN A 419 41.58 -9.87 -19.80
CA GLN A 419 42.15 -11.04 -19.16
C GLN A 419 41.07 -12.02 -18.70
N GLY A 420 39.84 -11.87 -19.18
CA GLY A 420 38.78 -12.81 -18.87
C GLY A 420 38.37 -12.90 -17.42
N ALA A 421 38.69 -11.88 -16.61
CA ALA A 421 38.41 -11.91 -15.18
C ALA A 421 37.14 -11.17 -14.79
N GLY A 422 36.38 -10.67 -15.75
CA GLY A 422 35.15 -9.96 -15.42
C GLY A 422 34.52 -9.32 -16.63
N GLU A 423 33.34 -8.75 -16.39
CA GLU A 423 32.56 -8.09 -17.43
C GLU A 423 31.44 -7.30 -16.74
N PRO A 424 30.91 -6.27 -17.40
CA PRO A 424 29.79 -5.52 -16.83
C PRO A 424 28.54 -6.40 -16.70
N LYS A 425 27.69 -6.05 -15.74
CA LYS A 425 26.49 -6.81 -15.47
C LYS A 425 25.46 -5.92 -14.78
N THR A 426 24.19 -6.19 -15.07
CA THR A 426 23.07 -5.48 -14.45
C THR A 426 22.33 -6.44 -13.52
N GLN A 427 21.99 -5.94 -12.33
CA GLN A 427 21.36 -6.74 -11.30
C GLN A 427 20.13 -6.03 -10.75
N TYR A 428 19.24 -6.82 -10.15
CA TYR A 428 18.02 -6.32 -9.53
C TYR A 428 17.87 -6.95 -8.15
N ARG A 429 17.57 -6.12 -7.14
CA ARG A 429 17.23 -6.66 -5.84
C ARG A 429 15.93 -7.45 -5.88
N LEU A 430 15.06 -7.14 -6.84
CA LEU A 430 13.73 -7.72 -6.89
C LEU A 430 13.79 -9.24 -7.00
N ARG A 431 13.04 -9.90 -6.13
CA ARG A 431 12.86 -11.35 -6.19
C ARG A 431 11.56 -11.68 -6.93
N ASP A 432 11.47 -12.92 -7.40
CA ASP A 432 10.23 -13.37 -8.01
C ASP A 432 9.14 -13.48 -6.94
N TRP A 433 7.89 -13.37 -7.39
CA TRP A 433 6.74 -13.26 -6.51
C TRP A 433 6.23 -14.65 -6.16
N GLY A 434 6.46 -15.08 -4.92
CA GLY A 434 5.92 -16.35 -4.46
C GLY A 434 4.47 -16.19 -4.04
N ILE A 435 3.60 -17.02 -4.60
CA ILE A 435 2.16 -16.89 -4.39
C ILE A 435 1.54 -18.10 -3.69
N SER A 436 2.30 -19.16 -3.44
CA SER A 436 1.72 -20.33 -2.78
C SER A 436 1.53 -20.04 -1.29
N ARG A 437 0.34 -20.34 -0.79
CA ARG A 437 0.01 -20.19 0.63
C ARG A 437 -0.55 -21.51 1.13
N GLN A 438 0.00 -21.98 2.25
CA GLN A 438 -0.50 -23.20 2.89
C GLN A 438 -1.66 -22.86 3.83
N ARG A 439 -2.68 -22.25 3.23
CA ARG A 439 -3.86 -21.79 3.94
C ARG A 439 -5.11 -22.26 3.21
N TYR A 440 -6.23 -22.27 3.93
CA TYR A 440 -7.50 -22.69 3.34
C TYR A 440 -8.26 -21.54 2.69
N TRP A 441 -8.47 -20.46 3.44
CA TRP A 441 -9.37 -19.39 3.00
C TRP A 441 -8.64 -18.52 1.97
N GLY A 442 -8.52 -19.07 0.77
CA GLY A 442 -7.87 -18.38 -0.34
C GLY A 442 -8.26 -19.01 -1.65
N CYS A 443 -7.84 -18.37 -2.72
CA CYS A 443 -8.17 -18.84 -4.06
C CYS A 443 -7.41 -20.12 -4.38
N PRO A 444 -8.08 -21.21 -4.76
CA PRO A 444 -7.37 -22.44 -5.12
C PRO A 444 -6.49 -22.22 -6.34
N ILE A 445 -5.33 -22.87 -6.33
CA ILE A 445 -4.40 -22.83 -7.47
C ILE A 445 -4.89 -23.85 -8.50
N PRO A 446 -5.16 -23.42 -9.73
CA PRO A 446 -5.78 -24.32 -10.73
C PRO A 446 -4.76 -25.27 -11.38
N ILE A 447 -4.20 -26.15 -10.56
CA ILE A 447 -3.21 -27.12 -11.01
C ILE A 447 -3.63 -28.51 -10.53
N VAL A 448 -3.51 -29.50 -11.42
CA VAL A 448 -3.75 -30.89 -11.08
C VAL A 448 -2.44 -31.65 -11.27
N HIS A 449 -2.08 -32.45 -10.26
CA HIS A 449 -0.82 -33.19 -10.27
C HIS A 449 -1.09 -34.62 -10.75
N CYS A 450 -0.49 -34.98 -11.88
CA CYS A 450 -0.62 -36.30 -12.47
C CYS A 450 0.77 -36.92 -12.61
N GLU A 451 0.94 -38.13 -12.10
CA GLU A 451 2.24 -38.79 -12.18
C GLU A 451 2.65 -39.11 -13.60
N LYS A 452 1.73 -39.04 -14.56
CA LYS A 452 2.04 -39.24 -15.97
C LYS A 452 2.25 -37.92 -16.70
N CYS A 453 1.34 -36.96 -16.51
CA CYS A 453 1.36 -35.71 -17.26
C CYS A 453 2.06 -34.57 -16.53
N GLY A 454 2.39 -34.75 -15.26
CA GLY A 454 3.03 -33.69 -14.50
C GLY A 454 2.03 -32.74 -13.88
N ASN A 455 2.51 -31.52 -13.63
CA ASN A 455 1.68 -30.46 -13.06
C ASN A 455 0.90 -29.82 -14.22
N VAL A 456 -0.39 -30.10 -14.27
CA VAL A 456 -1.24 -29.76 -15.41
C VAL A 456 -2.17 -28.61 -15.00
N PRO A 457 -2.29 -27.56 -15.80
CA PRO A 457 -3.27 -26.50 -15.50
C PRO A 457 -4.68 -26.95 -15.83
N VAL A 458 -5.62 -26.53 -14.99
CA VAL A 458 -7.03 -26.85 -15.20
C VAL A 458 -7.52 -26.14 -16.46
N PRO A 459 -8.22 -26.82 -17.37
CA PRO A 459 -8.67 -26.17 -18.61
C PRO A 459 -9.64 -25.04 -18.33
N ALA A 460 -9.77 -24.14 -19.32
CA ALA A 460 -10.62 -22.97 -19.15
C ALA A 460 -12.09 -23.33 -19.00
N ASP A 461 -12.54 -24.41 -19.67
CA ASP A 461 -13.94 -24.80 -19.55
C ASP A 461 -14.26 -25.28 -18.14
N GLN A 462 -13.28 -25.83 -17.42
CA GLN A 462 -13.50 -26.38 -16.09
C GLN A 462 -13.29 -25.37 -14.98
N LEU A 463 -12.90 -24.14 -15.31
CA LEU A 463 -12.72 -23.11 -14.30
C LEU A 463 -14.07 -22.52 -13.90
N PRO A 464 -14.24 -22.13 -12.63
CA PRO A 464 -13.22 -22.15 -11.58
C PRO A 464 -13.02 -23.49 -10.88
N VAL A 465 -11.90 -23.63 -10.20
CA VAL A 465 -11.72 -24.67 -9.18
C VAL A 465 -12.35 -24.12 -7.91
N VAL A 466 -13.53 -24.64 -7.56
CA VAL A 466 -14.34 -24.04 -6.50
C VAL A 466 -13.77 -24.41 -5.14
N LEU A 467 -13.47 -23.39 -4.34
CA LEU A 467 -13.10 -23.61 -2.94
C LEU A 467 -14.35 -24.00 -2.16
N PRO A 468 -14.38 -25.17 -1.52
CA PRO A 468 -15.55 -25.56 -0.73
C PRO A 468 -15.71 -24.65 0.49
N GLU A 469 -16.91 -24.07 0.63
CA GLU A 469 -17.18 -23.18 1.75
C GLU A 469 -17.60 -23.92 3.01
N ASN A 470 -18.01 -25.19 2.90
CA ASN A 470 -18.38 -26.00 4.05
C ASN A 470 -17.12 -26.56 4.72
N VAL A 471 -16.41 -25.65 5.40
CA VAL A 471 -15.15 -25.97 6.06
C VAL A 471 -15.03 -25.13 7.31
N VAL A 472 -14.67 -25.76 8.42
CA VAL A 472 -14.32 -25.07 9.66
C VAL A 472 -12.91 -25.50 10.06
N PRO A 473 -11.91 -24.65 9.82
CA PRO A 473 -10.53 -25.04 10.10
C PRO A 473 -10.33 -25.37 11.58
N ASP A 474 -9.53 -26.41 11.83
CA ASP A 474 -9.34 -26.93 13.19
C ASP A 474 -8.04 -26.50 13.83
N GLY A 475 -7.01 -26.18 13.04
CA GLY A 475 -5.73 -25.79 13.59
C GLY A 475 -4.61 -26.74 13.22
N MET A 476 -4.88 -28.05 13.27
CA MET A 476 -3.88 -29.06 12.96
C MET A 476 -3.69 -29.20 11.45
N GLY A 477 -3.30 -28.09 10.85
CA GLY A 477 -3.01 -28.05 9.42
C GLY A 477 -4.17 -27.49 8.61
N SER A 478 -3.84 -26.96 7.44
CA SER A 478 -4.86 -26.45 6.55
C SER A 478 -5.74 -27.61 6.08
N PRO A 479 -7.07 -27.46 6.12
CA PRO A 479 -7.95 -28.62 5.86
C PRO A 479 -7.92 -29.11 4.42
N LEU A 480 -7.53 -28.27 3.45
CA LEU A 480 -7.58 -28.69 2.05
C LEU A 480 -6.71 -29.92 1.81
N ALA A 481 -5.51 -29.96 2.40
CA ALA A 481 -4.64 -31.11 2.25
C ALA A 481 -5.14 -32.34 2.98
N LYS A 482 -6.25 -32.24 3.71
CA LYS A 482 -6.84 -33.37 4.42
C LYS A 482 -8.26 -33.67 3.96
N MET A 483 -8.68 -33.13 2.83
CA MET A 483 -10.01 -33.34 2.28
C MET A 483 -9.89 -34.09 0.96
N PRO A 484 -9.90 -35.43 0.98
CA PRO A 484 -9.85 -36.17 -0.29
C PRO A 484 -11.01 -35.86 -1.22
N GLU A 485 -12.18 -35.49 -0.67
CA GLU A 485 -13.30 -35.11 -1.51
C GLU A 485 -12.97 -33.88 -2.36
N PHE A 486 -11.97 -33.10 -1.98
CA PHE A 486 -11.56 -31.95 -2.77
C PHE A 486 -10.41 -32.29 -3.72
N TYR A 487 -9.32 -32.87 -3.20
CA TYR A 487 -8.11 -32.99 -4.01
C TYR A 487 -8.08 -34.24 -4.88
N GLU A 488 -8.86 -35.27 -4.55
CA GLU A 488 -8.90 -36.45 -5.42
C GLU A 488 -9.72 -36.14 -6.66
N THR A 489 -9.12 -36.32 -7.84
CA THR A 489 -9.77 -36.00 -9.10
C THR A 489 -9.13 -36.81 -10.21
N SER A 490 -9.53 -36.53 -11.45
CA SER A 490 -8.94 -37.15 -12.63
C SER A 490 -8.13 -36.11 -13.41
N CYS A 491 -7.10 -36.59 -14.09
CA CYS A 491 -6.23 -35.69 -14.83
C CYS A 491 -6.97 -35.14 -16.05
N PRO A 492 -7.01 -33.81 -16.24
CA PRO A 492 -7.67 -33.27 -17.43
C PRO A 492 -6.96 -33.60 -18.75
N CYS A 493 -5.75 -34.13 -18.70
CA CYS A 493 -5.02 -34.48 -19.90
C CYS A 493 -5.21 -35.94 -20.30
N CYS A 494 -5.21 -36.85 -19.33
CA CYS A 494 -5.27 -38.28 -19.62
C CYS A 494 -6.43 -39.00 -18.96
N GLY A 495 -7.18 -38.35 -18.08
CA GLY A 495 -8.29 -38.97 -17.39
C GLY A 495 -7.90 -39.88 -16.24
N GLY A 496 -6.60 -40.05 -15.97
CA GLY A 496 -6.17 -40.94 -14.91
C GLY A 496 -6.25 -40.30 -13.54
N ALA A 497 -6.00 -41.13 -12.52
CA ALA A 497 -6.05 -40.67 -11.14
C ALA A 497 -5.01 -39.58 -10.90
N ALA A 498 -5.45 -38.48 -10.28
CA ALA A 498 -4.58 -37.34 -10.05
C ALA A 498 -5.07 -36.58 -8.82
N LYS A 499 -4.31 -35.57 -8.43
CA LYS A 499 -4.60 -34.80 -7.22
C LYS A 499 -4.53 -33.31 -7.52
N ARG A 500 -5.53 -32.57 -7.05
CA ARG A 500 -5.50 -31.12 -7.16
C ARG A 500 -4.44 -30.53 -6.25
N GLU A 501 -3.92 -29.37 -6.64
CA GLU A 501 -3.09 -28.59 -5.73
C GLU A 501 -3.94 -28.13 -4.55
N THR A 502 -3.37 -28.22 -3.35
CA THR A 502 -4.10 -27.83 -2.15
C THR A 502 -3.67 -26.49 -1.57
N ASP A 503 -2.52 -25.96 -1.99
CA ASP A 503 -2.14 -24.61 -1.60
C ASP A 503 -3.05 -23.60 -2.30
N THR A 504 -3.28 -22.47 -1.62
CA THR A 504 -4.07 -21.39 -2.18
C THR A 504 -3.16 -20.23 -2.57
N MET A 505 -3.76 -19.21 -3.17
CA MET A 505 -3.00 -18.08 -3.68
C MET A 505 -2.80 -17.01 -2.63
N ASP A 506 -1.66 -16.33 -2.73
CA ASP A 506 -1.45 -15.07 -2.01
C ASP A 506 -2.63 -14.15 -2.22
N THR A 507 -3.17 -13.64 -1.12
CA THR A 507 -4.37 -12.80 -1.22
C THR A 507 -4.10 -11.44 -1.86
N PHE A 508 -2.82 -11.07 -2.04
CA PHE A 508 -2.51 -9.88 -2.82
C PHE A 508 -2.97 -10.00 -4.27
N ILE A 509 -3.19 -11.23 -4.76
CA ILE A 509 -3.56 -11.43 -6.15
C ILE A 509 -4.93 -10.86 -6.43
N GLU A 510 -5.89 -11.07 -5.52
CA GLU A 510 -7.23 -10.51 -5.72
C GLU A 510 -7.19 -8.99 -5.82
N SER A 511 -6.38 -8.34 -4.99
CA SER A 511 -6.28 -6.89 -5.00
C SER A 511 -5.40 -6.35 -6.11
N SER A 512 -4.81 -7.22 -6.95
CA SER A 512 -3.95 -6.78 -8.03
C SER A 512 -4.70 -6.50 -9.32
N TRP A 513 -6.00 -6.82 -9.40
CA TRP A 513 -6.77 -6.60 -10.62
C TRP A 513 -8.23 -6.23 -10.36
N TYR A 514 -8.64 -6.03 -9.11
CA TYR A 514 -10.05 -5.77 -8.83
C TYR A 514 -10.52 -4.45 -9.44
N PHE A 515 -9.60 -3.49 -9.58
CA PHE A 515 -9.96 -2.21 -10.19
C PHE A 515 -10.40 -2.37 -11.64
N PHE A 516 -9.91 -3.42 -12.31
CA PHE A 516 -10.38 -3.72 -13.66
C PHE A 516 -11.72 -4.45 -13.64
N ARG A 517 -11.91 -5.35 -12.68
CA ARG A 517 -13.15 -6.11 -12.60
C ARG A 517 -14.35 -5.20 -12.35
N TYR A 518 -14.14 -4.08 -11.64
CA TYR A 518 -15.21 -3.12 -11.40
C TYR A 518 -15.83 -2.61 -12.69
N MET A 519 -15.05 -2.57 -13.78
CA MET A 519 -15.55 -2.03 -15.04
C MET A 519 -16.65 -2.90 -15.64
N SER A 520 -16.59 -4.21 -15.41
CA SER A 520 -17.65 -5.13 -15.85
C SER A 520 -17.73 -6.28 -14.86
N PRO A 521 -18.28 -6.02 -13.67
CA PRO A 521 -18.23 -7.03 -12.60
C PRO A 521 -19.10 -8.26 -12.85
N LYS A 522 -19.96 -8.23 -13.87
CA LYS A 522 -20.80 -9.38 -14.21
C LYS A 522 -20.42 -10.00 -15.55
N PHE A 523 -19.30 -9.57 -16.13
CA PHE A 523 -18.84 -10.14 -17.39
C PHE A 523 -18.36 -11.57 -17.15
N SER A 524 -18.91 -12.52 -17.91
CA SER A 524 -18.66 -13.93 -17.68
C SER A 524 -17.78 -14.57 -18.75
N ASP A 525 -17.26 -13.80 -19.70
CA ASP A 525 -16.39 -14.34 -20.75
C ASP A 525 -14.96 -13.83 -20.66
N GLY A 526 -14.60 -13.17 -19.56
CA GLY A 526 -13.23 -12.70 -19.41
C GLY A 526 -13.08 -11.93 -18.11
N MET A 527 -11.83 -11.55 -17.84
CA MET A 527 -11.55 -10.76 -16.65
C MET A 527 -12.28 -9.43 -16.69
N VAL A 528 -12.32 -8.80 -17.87
CA VAL A 528 -13.01 -7.52 -18.05
C VAL A 528 -13.39 -7.40 -19.52
N SER A 529 -14.60 -6.93 -19.78
CA SER A 529 -15.07 -6.80 -21.15
C SER A 529 -14.29 -5.71 -21.88
N ALA A 530 -14.08 -5.92 -23.18
CA ALA A 530 -13.32 -4.95 -23.97
C ALA A 530 -14.02 -3.62 -24.08
N GLU A 531 -15.36 -3.62 -24.12
CA GLU A 531 -16.09 -2.37 -24.26
C GLU A 531 -15.98 -1.49 -23.00
N SER A 532 -15.97 -2.12 -21.82
CA SER A 532 -15.87 -1.34 -20.59
C SER A 532 -14.43 -0.93 -20.29
N ALA A 533 -13.46 -1.78 -20.64
CA ALA A 533 -12.06 -1.43 -20.40
C ALA A 533 -11.65 -0.25 -21.26
N LYS A 534 -12.12 -0.18 -22.50
CA LYS A 534 -11.74 0.92 -23.38
C LYS A 534 -12.42 2.22 -22.98
N TYR A 535 -13.58 2.14 -22.31
CA TYR A 535 -14.26 3.36 -21.88
C TYR A 535 -13.64 3.92 -20.61
N TRP A 536 -13.56 3.10 -19.56
CA TRP A 536 -13.04 3.57 -18.28
C TRP A 536 -11.53 3.74 -18.27
N GLY A 537 -10.81 3.04 -19.15
CA GLY A 537 -9.37 3.19 -19.26
C GLY A 537 -8.62 2.82 -18.00
N ALA A 538 -8.09 3.83 -17.31
CA ALA A 538 -7.36 3.63 -16.07
C ALA A 538 -8.03 4.40 -14.94
N VAL A 539 -7.67 4.03 -13.71
CA VAL A 539 -8.19 4.73 -12.54
C VAL A 539 -7.64 6.14 -12.53
N ASP A 540 -8.53 7.13 -12.47
CA ASP A 540 -8.10 8.52 -12.45
C ASP A 540 -7.54 8.91 -11.09
N GLN A 541 -8.15 8.40 -10.02
CA GLN A 541 -7.77 8.78 -8.66
C GLN A 541 -7.82 7.56 -7.76
N TYR A 542 -6.73 7.31 -7.04
CA TYR A 542 -6.59 6.17 -6.14
C TYR A 542 -6.25 6.69 -4.75
N ILE A 543 -6.96 6.19 -3.74
CA ILE A 543 -6.79 6.65 -2.36
C ILE A 543 -6.63 5.43 -1.45
N GLY A 544 -5.59 5.44 -0.64
CA GLY A 544 -5.34 4.32 0.26
C GLY A 544 -4.25 4.66 1.25
N GLY A 545 -3.95 3.69 2.12
CA GLY A 545 -2.94 3.89 3.14
C GLY A 545 -1.53 3.65 2.63
N ILE A 546 -0.57 4.25 3.33
CA ILE A 546 0.83 4.20 2.91
C ILE A 546 1.42 2.81 3.08
N GLU A 547 0.79 1.94 3.88
CA GLU A 547 1.33 0.60 4.08
C GLU A 547 1.27 -0.26 2.82
N HIS A 548 0.56 0.19 1.78
CA HIS A 548 0.47 -0.52 0.51
C HIS A 548 1.29 0.13 -0.59
N ALA A 549 2.20 1.05 -0.23
CA ALA A 549 2.97 1.79 -1.23
C ALA A 549 3.93 0.91 -2.02
N ILE A 550 4.36 -0.23 -1.47
CA ILE A 550 5.37 -1.06 -2.14
C ILE A 550 4.71 -2.29 -2.78
N LEU A 551 4.23 -3.21 -1.95
CA LEU A 551 3.81 -4.52 -2.45
C LEU A 551 2.55 -4.41 -3.30
N HIS A 552 1.45 -3.91 -2.73
CA HIS A 552 0.19 -3.89 -3.45
C HIS A 552 0.31 -3.11 -4.76
N LEU A 553 0.87 -1.91 -4.71
CA LEU A 553 0.97 -1.09 -5.90
C LEU A 553 1.84 -1.75 -6.96
N LEU A 554 2.98 -2.31 -6.56
CA LEU A 554 3.84 -3.03 -7.50
C LEU A 554 3.09 -4.21 -8.12
N TYR A 555 2.41 -5.00 -7.28
CA TYR A 555 1.61 -6.12 -7.79
C TYR A 555 0.55 -5.64 -8.77
N ALA A 556 -0.14 -4.54 -8.43
CA ALA A 556 -1.20 -4.04 -9.31
C ALA A 556 -0.64 -3.52 -10.63
N ARG A 557 0.51 -2.83 -10.58
CA ARG A 557 1.15 -2.40 -11.81
C ARG A 557 1.61 -3.59 -12.63
N PHE A 558 2.13 -4.62 -11.95
CA PHE A 558 2.58 -5.83 -12.64
C PHE A 558 1.42 -6.53 -13.33
N PHE A 559 0.30 -6.69 -12.62
CA PHE A 559 -0.87 -7.34 -13.20
C PHE A 559 -1.41 -6.55 -14.39
N THR A 560 -1.39 -5.22 -14.31
CA THR A 560 -1.88 -4.40 -15.41
C THR A 560 -1.07 -4.64 -16.68
N LYS A 561 0.25 -4.74 -16.55
CA LYS A 561 1.10 -4.98 -17.72
C LYS A 561 0.92 -6.41 -18.23
N LEU A 562 0.69 -7.36 -17.33
CA LEU A 562 0.37 -8.73 -17.77
C LEU A 562 -0.95 -8.75 -18.54
N MET A 563 -1.99 -8.13 -17.99
CA MET A 563 -3.29 -8.12 -18.66
C MET A 563 -3.24 -7.34 -19.96
N ARG A 564 -2.43 -6.28 -20.01
CA ARG A 564 -2.22 -5.57 -21.27
C ARG A 564 -1.57 -6.47 -22.31
N ASP A 565 -0.58 -7.26 -21.89
CA ASP A 565 0.11 -8.15 -22.82
C ASP A 565 -0.79 -9.28 -23.29
N GLU A 566 -1.77 -9.69 -22.47
CA GLU A 566 -2.75 -10.65 -22.92
C GLU A 566 -3.78 -10.03 -23.86
N GLY A 567 -3.89 -8.71 -23.87
CA GLY A 567 -4.82 -8.02 -24.73
C GLY A 567 -6.15 -7.66 -24.09
N LEU A 568 -6.24 -7.70 -22.76
CA LEU A 568 -7.49 -7.40 -22.07
C LEU A 568 -7.66 -5.93 -21.76
N VAL A 569 -6.57 -5.18 -21.63
CA VAL A 569 -6.63 -3.74 -21.37
C VAL A 569 -5.63 -3.05 -22.29
N ASN A 570 -5.66 -1.72 -22.28
CA ASN A 570 -4.82 -0.93 -23.18
C ASN A 570 -4.18 0.25 -22.45
N VAL A 571 -3.90 0.09 -21.16
CA VAL A 571 -3.16 1.08 -20.40
C VAL A 571 -1.92 0.42 -19.82
N ASP A 572 -0.84 1.19 -19.71
CA ASP A 572 0.39 0.67 -19.12
C ASP A 572 0.39 0.76 -17.61
N GLU A 573 -0.34 1.73 -17.05
CA GLU A 573 -0.35 1.97 -15.62
C GLU A 573 -1.79 1.99 -15.10
N PRO A 574 -2.04 1.38 -13.94
CA PRO A 574 -3.42 1.29 -13.44
C PRO A 574 -3.95 2.57 -12.80
N PHE A 575 -3.07 3.32 -12.12
CA PHE A 575 -3.48 4.47 -11.31
C PHE A 575 -2.76 5.72 -11.79
N GLU A 576 -3.53 6.72 -12.22
CA GLU A 576 -2.96 8.01 -12.63
C GLU A 576 -2.53 8.83 -11.42
N ARG A 577 -3.48 9.22 -10.57
CA ARG A 577 -3.20 9.98 -9.36
C ARG A 577 -3.28 9.07 -8.15
N LEU A 578 -2.40 9.32 -7.19
CA LEU A 578 -2.34 8.53 -5.96
C LEU A 578 -2.36 9.45 -4.76
N LEU A 579 -3.27 9.20 -3.83
CA LEU A 579 -3.37 9.95 -2.57
C LEU A 579 -3.23 8.96 -1.43
N THR A 580 -2.28 9.21 -0.54
CA THR A 580 -2.04 8.35 0.61
C THR A 580 -2.52 9.07 1.87
N GLN A 581 -3.57 8.54 2.48
CA GLN A 581 -4.12 9.12 3.69
C GLN A 581 -3.29 8.75 4.91
N GLY A 582 -3.28 9.64 5.89
CA GLY A 582 -2.56 9.39 7.12
C GLY A 582 -3.32 8.49 8.08
N MET A 583 -2.65 8.11 9.16
CA MET A 583 -3.24 7.24 10.16
C MET A 583 -4.27 8.00 10.99
N VAL A 584 -5.04 7.24 11.77
CA VAL A 584 -5.93 7.78 12.78
C VAL A 584 -5.42 7.32 14.14
N VAL A 585 -5.04 8.26 14.98
CA VAL A 585 -4.42 7.97 16.26
C VAL A 585 -5.37 8.39 17.39
N CYS A 586 -5.08 7.90 18.59
CA CYS A 586 -5.90 8.22 19.76
C CYS A 586 -5.08 7.96 21.02
N GLU A 587 -5.41 8.70 22.07
CA GLU A 587 -4.80 8.47 23.37
C GLU A 587 -5.05 7.05 23.84
N THR A 588 -4.16 6.57 24.71
CA THR A 588 -4.33 5.27 25.36
C THR A 588 -4.52 5.47 26.85
N TYR A 589 -5.15 4.48 27.48
CA TYR A 589 -5.44 4.50 28.90
C TYR A 589 -5.20 3.12 29.48
N TYR A 590 -4.65 3.06 30.68
CA TYR A 590 -4.34 1.77 31.29
C TYR A 590 -4.42 1.86 32.80
N ARG A 591 -4.59 0.70 33.42
CA ARG A 591 -4.48 0.53 34.86
C ARG A 591 -3.41 -0.52 35.13
N GLU A 592 -2.67 -0.33 36.22
CA GLU A 592 -1.60 -1.26 36.54
C GLU A 592 -2.17 -2.59 37.03
N ASN A 593 -1.54 -3.67 36.57
CA ASN A 593 -1.98 -5.03 36.90
C ASN A 593 -1.61 -5.39 38.34
N ASP A 594 -2.12 -6.54 38.78
CA ASP A 594 -1.65 -7.20 39.99
C ASP A 594 -0.41 -8.05 39.73
N LYS A 595 0.06 -8.10 38.48
CA LYS A 595 1.25 -8.86 38.11
C LYS A 595 2.33 -7.98 37.50
N GLY A 596 2.35 -6.69 37.83
CA GLY A 596 3.35 -5.80 37.29
C GLY A 596 3.19 -5.47 35.82
N GLY A 597 1.99 -5.62 35.27
CA GLY A 597 1.74 -5.30 33.87
C GLY A 597 0.75 -4.17 33.71
N LYS A 598 0.15 -4.06 32.53
CA LYS A 598 -0.81 -3.01 32.24
C LYS A 598 -2.04 -3.59 31.57
N ASP A 599 -3.21 -3.13 32.02
CA ASP A 599 -4.49 -3.46 31.40
C ASP A 599 -4.98 -2.22 30.64
N TRP A 600 -5.09 -2.34 29.32
CA TRP A 600 -5.41 -1.21 28.47
C TRP A 600 -6.92 -1.05 28.34
N ILE A 601 -7.39 0.18 28.52
CA ILE A 601 -8.81 0.49 28.65
C ILE A 601 -9.25 1.34 27.46
N ASN A 602 -10.41 1.02 26.91
CA ASN A 602 -10.93 1.75 25.77
C ASN A 602 -11.30 3.18 26.16
N PRO A 603 -11.07 4.15 25.27
CA PRO A 603 -11.42 5.54 25.61
C PRO A 603 -12.91 5.75 25.84
N ALA A 604 -13.77 4.92 25.24
CA ALA A 604 -15.21 5.09 25.43
C ALA A 604 -15.66 4.76 26.85
N ASP A 605 -14.83 4.04 27.62
CA ASP A 605 -15.16 3.71 29.00
C ASP A 605 -14.45 4.62 30.00
N VAL A 606 -13.96 5.77 29.55
CA VAL A 606 -13.20 6.69 30.39
C VAL A 606 -13.82 8.08 30.28
N GLU A 607 -13.95 8.76 31.42
CA GLU A 607 -14.38 10.14 31.48
C GLU A 607 -13.26 11.00 32.05
N LEU A 608 -13.08 12.19 31.47
CA LEU A 608 -12.02 13.10 31.87
C LEU A 608 -12.59 14.13 32.83
N THR A 609 -12.11 14.13 34.07
CA THR A 609 -12.58 15.05 35.09
C THR A 609 -12.08 16.46 34.82
N ALA A 619 -8.67 12.23 34.15
CA ALA A 619 -8.88 10.89 33.63
C ALA A 619 -9.37 9.94 34.71
N VAL A 620 -10.58 9.43 34.53
CA VAL A 620 -11.24 8.60 35.53
C VAL A 620 -12.06 7.54 34.81
N LEU A 621 -11.94 6.29 35.25
CA LEU A 621 -12.78 5.23 34.71
C LEU A 621 -14.24 5.50 35.05
N LYS A 622 -15.10 5.40 34.05
CA LYS A 622 -16.51 5.72 34.24
C LYS A 622 -17.19 4.71 35.17
N ALA A 623 -16.66 3.49 35.26
CA ALA A 623 -17.36 2.44 36.01
C ALA A 623 -17.31 2.72 37.51
N ASP A 624 -16.11 2.80 38.09
CA ASP A 624 -15.96 2.92 39.53
C ASP A 624 -15.36 4.26 39.96
N GLY A 625 -15.35 5.26 39.07
CA GLY A 625 -14.86 6.57 39.44
C GLY A 625 -13.44 6.62 39.97
N LEU A 626 -12.64 5.61 39.67
CA LEU A 626 -11.28 5.52 40.18
C LEU A 626 -10.27 5.93 39.12
N PRO A 627 -9.10 6.45 39.52
CA PRO A 627 -8.16 7.01 38.54
C PRO A 627 -7.72 6.01 37.47
N VAL A 628 -7.36 6.57 36.32
CA VAL A 628 -6.81 5.83 35.18
C VAL A 628 -5.64 6.64 34.63
N VAL A 629 -4.62 5.95 34.15
CA VAL A 629 -3.41 6.60 33.64
C VAL A 629 -3.62 6.95 32.17
N ILE A 630 -3.39 8.22 31.83
CA ILE A 630 -3.34 8.63 30.43
C ILE A 630 -1.96 8.31 29.89
N SER A 631 -1.92 7.54 28.80
CA SER A 631 -0.67 7.14 28.19
C SER A 631 -0.56 7.73 26.78
N GLY A 632 0.48 7.32 26.07
CA GLY A 632 0.81 7.95 24.81
C GLY A 632 -0.24 7.75 23.74
N THR A 633 -0.24 8.67 22.79
CA THR A 633 -1.13 8.62 21.63
C THR A 633 -0.50 7.78 20.53
N GLU A 634 -1.29 6.91 19.92
CA GLU A 634 -0.80 6.06 18.84
C GLU A 634 -1.96 5.62 17.97
N LYS A 635 -1.62 5.01 16.85
CA LYS A 635 -2.60 4.51 15.89
C LYS A 635 -3.62 3.61 16.58
N MET A 636 -4.90 3.81 16.25
CA MET A 636 -5.96 2.99 16.83
C MET A 636 -5.76 1.52 16.45
N SER A 637 -5.82 0.66 17.46
CA SER A 637 -5.71 -0.78 17.24
C SER A 637 -6.21 -1.49 18.50
N LYS A 638 -6.46 -2.80 18.35
CA LYS A 638 -6.84 -3.63 19.48
C LYS A 638 -5.66 -3.96 20.39
N SER A 639 -4.43 -3.62 19.98
CA SER A 639 -3.24 -3.87 20.78
C SER A 639 -3.33 -3.20 22.13
N LYS A 640 -3.35 -1.86 22.13
CA LYS A 640 -3.54 -1.09 23.35
C LYS A 640 -4.99 -0.67 23.56
N ASN A 641 -5.92 -1.28 22.81
CA ASN A 641 -7.36 -1.13 23.06
C ASN A 641 -7.77 0.34 23.06
N ASN A 642 -7.39 1.06 22.01
CA ASN A 642 -7.66 2.49 21.91
C ASN A 642 -8.48 2.84 20.67
N GLY A 643 -9.20 1.87 20.11
CA GLY A 643 -10.01 2.15 18.93
C GLY A 643 -11.34 2.78 19.30
N VAL A 644 -11.72 3.79 18.54
CA VAL A 644 -13.01 4.45 18.70
C VAL A 644 -13.94 3.95 17.61
N ASP A 645 -15.05 3.35 18.01
CA ASP A 645 -15.98 2.75 17.06
C ASP A 645 -16.71 3.84 16.28
N PRO A 646 -16.55 3.90 14.95
CA PRO A 646 -17.26 4.92 14.18
C PRO A 646 -18.78 4.78 14.22
N GLN A 647 -19.30 3.57 14.48
CA GLN A 647 -20.74 3.41 14.58
C GLN A 647 -21.31 4.20 15.74
N GLU A 648 -20.57 4.27 16.85
CA GLU A 648 -21.01 5.09 17.98
C GLU A 648 -20.96 6.57 17.62
N LEU A 649 -19.96 6.98 16.84
CA LEU A 649 -19.90 8.36 16.37
C LEU A 649 -21.07 8.67 15.45
N ILE A 650 -21.45 7.73 14.60
CA ILE A 650 -22.61 7.92 13.72
C ILE A 650 -23.89 7.95 14.55
N ASN A 651 -24.02 7.02 15.50
CA ASN A 651 -25.23 6.96 16.31
C ASN A 651 -25.45 8.23 17.12
N ALA A 652 -24.37 8.81 17.64
CA ALA A 652 -24.46 9.98 18.52
C ALA A 652 -24.57 11.30 17.77
N TYR A 653 -24.01 11.41 16.57
CA TYR A 653 -23.94 12.70 15.88
C TYR A 653 -24.42 12.69 14.44
N GLY A 654 -24.49 11.55 13.79
CA GLY A 654 -24.87 11.48 12.40
C GLY A 654 -23.67 11.33 11.47
N ALA A 655 -23.96 11.01 10.22
CA ALA A 655 -22.89 10.75 9.26
C ALA A 655 -22.17 12.02 8.85
N ASP A 656 -22.92 13.12 8.68
CA ASP A 656 -22.31 14.37 8.24
C ASP A 656 -21.28 14.88 9.25
N THR A 657 -21.59 14.75 10.54
CA THR A 657 -20.63 15.18 11.56
C THR A 657 -19.35 14.34 11.50
N ALA A 658 -19.50 13.03 11.33
CA ALA A 658 -18.33 12.17 11.19
C ALA A 658 -17.50 12.57 9.99
N ARG A 659 -18.14 12.78 8.84
CA ARG A 659 -17.42 13.15 7.62
C ARG A 659 -16.72 14.49 7.79
N LEU A 660 -17.42 15.48 8.36
CA LEU A 660 -16.83 16.81 8.47
C LEU A 660 -15.64 16.82 9.42
N PHE A 661 -15.73 16.12 10.54
CA PHE A 661 -14.62 16.08 11.49
C PHE A 661 -13.38 15.46 10.85
N MET A 662 -13.55 14.38 10.08
CA MET A 662 -12.39 13.73 9.49
C MET A 662 -11.72 14.61 8.44
N MET A 663 -12.50 15.41 7.71
CA MET A 663 -11.94 16.26 6.68
C MET A 663 -11.40 17.58 7.21
N PHE A 664 -11.86 18.01 8.39
CA PHE A 664 -11.42 19.27 8.97
C PHE A 664 -10.28 19.12 9.97
N ALA A 665 -10.12 17.94 10.57
CA ALA A 665 -9.16 17.78 11.65
C ALA A 665 -7.71 17.88 11.17
N ALA A 666 -7.43 17.44 9.94
CA ALA A 666 -6.07 17.42 9.42
C ALA A 666 -6.11 17.24 7.91
N PRO A 667 -5.09 17.67 7.19
CA PRO A 667 -4.95 17.30 5.79
C PRO A 667 -4.91 15.79 5.64
N PRO A 668 -5.31 15.26 4.46
CA PRO A 668 -5.39 13.80 4.33
C PRO A 668 -4.10 13.06 4.61
N GLU A 669 -2.96 13.63 4.23
CA GLU A 669 -1.69 12.94 4.45
C GLU A 669 -1.27 12.94 5.91
N GLN A 670 -1.64 13.98 6.67
CA GLN A 670 -1.24 14.10 8.06
CA GLN A 670 -1.23 14.07 8.05
C GLN A 670 -2.10 13.21 8.95
N SER A 671 -1.48 12.68 10.02
CA SER A 671 -2.20 11.84 10.96
C SER A 671 -3.35 12.60 11.60
N LEU A 672 -4.48 11.92 11.74
CA LEU A 672 -5.68 12.50 12.33
C LEU A 672 -5.77 12.09 13.79
N GLU A 673 -5.77 13.07 14.68
CA GLU A 673 -5.85 12.83 16.12
C GLU A 673 -7.31 12.89 16.56
N TRP A 674 -7.78 11.82 17.19
CA TRP A 674 -9.15 11.79 17.67
C TRP A 674 -9.37 12.85 18.74
N SER A 675 -10.45 13.60 18.63
CA SER A 675 -10.74 14.71 19.54
C SER A 675 -12.23 14.80 19.75
N ASP A 676 -12.67 14.66 21.00
CA ASP A 676 -14.09 14.84 21.32
C ASP A 676 -14.55 16.25 21.02
N SER A 677 -13.80 17.24 21.50
CA SER A 677 -14.14 18.64 21.20
C SER A 677 -14.09 18.90 19.70
N GLY A 678 -13.16 18.27 18.99
CA GLY A 678 -13.13 18.39 17.55
C GLY A 678 -14.40 17.85 16.90
N VAL A 679 -14.92 16.75 17.42
CA VAL A 679 -16.20 16.23 16.95
C VAL A 679 -17.32 17.22 17.26
N GLU A 680 -17.34 17.74 18.49
CA GLU A 680 -18.38 18.69 18.88
C GLU A 680 -18.31 19.97 18.05
N GLY A 681 -17.09 20.43 17.75
CA GLY A 681 -16.95 21.60 16.91
C GLY A 681 -17.50 21.38 15.51
N ALA A 682 -17.35 20.16 14.99
CA ALA A 682 -17.91 19.84 13.69
C ALA A 682 -19.43 19.83 13.73
N HIS A 683 -20.01 19.23 14.78
CA HIS A 683 -21.47 19.17 14.88
C HIS A 683 -22.07 20.56 15.08
N ARG A 684 -21.39 21.42 15.85
CA ARG A 684 -21.92 22.77 16.07
C ARG A 684 -21.84 23.62 14.81
N PHE A 685 -20.85 23.36 13.94
CA PHE A 685 -20.81 24.10 12.68
C PHE A 685 -21.97 23.69 11.77
N LEU A 686 -22.33 22.41 11.77
CA LEU A 686 -23.49 21.98 10.99
C LEU A 686 -24.77 22.61 11.53
N ARG A 687 -24.85 22.79 12.85
CA ARG A 687 -25.98 23.54 13.41
CA ARG A 687 -25.99 23.52 13.40
C ARG A 687 -25.97 24.98 12.95
N ARG A 688 -24.80 25.60 12.91
CA ARG A 688 -24.69 26.98 12.44
C ARG A 688 -25.13 27.10 10.99
N LEU A 689 -24.67 26.20 10.13
CA LEU A 689 -25.08 26.20 8.73
C LEU A 689 -26.59 26.03 8.60
N TRP A 690 -27.16 25.11 9.38
CA TRP A 690 -28.61 24.91 9.36
C TRP A 690 -29.33 26.18 9.81
N ARG A 691 -28.89 26.76 10.92
CA ARG A 691 -29.55 27.96 11.43
C ARG A 691 -29.39 29.14 10.48
N THR A 692 -28.25 29.22 9.77
CA THR A 692 -28.03 30.32 8.83
C THR A 692 -29.10 30.33 7.74
N VAL A 693 -29.38 29.17 7.15
CA VAL A 693 -30.38 29.09 6.10
C VAL A 693 -31.79 29.27 6.67
N TYR A 694 -32.04 28.70 7.84
CA TYR A 694 -33.35 28.84 8.47
C TYR A 694 -33.66 30.30 8.77
N GLU A 695 -32.71 31.01 9.38
CA GLU A 695 -32.92 32.43 9.68
C GLU A 695 -33.07 33.24 8.41
N TYR A 696 -32.36 32.88 7.34
CA TYR A 696 -32.49 33.60 6.08
C TYR A 696 -33.89 33.43 5.49
N LEU A 697 -34.39 32.19 5.47
CA LEU A 697 -35.70 31.93 4.89
C LEU A 697 -36.83 32.48 5.75
N LYS A 698 -36.59 32.62 7.06
CA LYS A 698 -37.59 33.22 7.94
C LYS A 698 -37.73 34.72 7.73
N GLN A 699 -36.82 35.35 6.99
CA GLN A 699 -36.85 36.79 6.76
C GLN A 699 -37.66 37.18 5.52
N GLY A 700 -38.12 36.21 4.74
CA GLY A 700 -38.92 36.54 3.59
C GLY A 700 -38.88 35.50 2.48
N GLY A 701 -38.32 34.33 2.74
CA GLY A 701 -38.30 33.26 1.77
C GLY A 701 -37.27 33.43 0.69
N ALA A 702 -37.06 32.41 -0.15
CA ALA A 702 -36.00 32.48 -1.16
C ALA A 702 -36.33 33.47 -2.26
N VAL A 703 -35.28 34.02 -2.87
CA VAL A 703 -35.38 34.89 -4.02
C VAL A 703 -34.45 34.37 -5.11
N LYS A 704 -34.45 35.04 -6.26
CA LYS A 704 -33.49 34.69 -7.30
C LYS A 704 -32.11 35.19 -6.91
N ALA A 705 -31.12 34.29 -6.97
CA ALA A 705 -29.77 34.65 -6.58
C ALA A 705 -29.21 35.74 -7.50
N PHE A 706 -28.37 36.60 -6.93
CA PHE A 706 -27.79 37.68 -7.70
C PHE A 706 -26.93 37.14 -8.83
N ALA A 707 -27.00 37.80 -9.99
CA ALA A 707 -26.20 37.43 -11.14
C ALA A 707 -26.09 38.63 -12.05
N GLY A 708 -25.01 38.68 -12.82
CA GLY A 708 -24.83 39.72 -13.81
C GLY A 708 -24.05 40.91 -13.30
N ASN A 709 -24.28 42.04 -13.98
CA ASN A 709 -23.57 43.28 -13.68
C ASN A 709 -23.82 43.71 -12.24
N GLN A 710 -22.74 43.90 -11.48
CA GLN A 710 -22.83 44.32 -10.10
C GLN A 710 -22.56 45.81 -9.91
N ASP A 711 -22.47 46.58 -10.99
CA ASP A 711 -22.46 48.02 -10.86
C ASP A 711 -23.72 48.48 -10.17
N GLY A 712 -23.57 49.40 -9.21
CA GLY A 712 -24.69 49.86 -8.42
C GLY A 712 -24.89 49.13 -7.11
N LEU A 713 -24.25 47.97 -6.93
CA LEU A 713 -24.29 47.30 -5.65
C LEU A 713 -23.50 48.11 -4.62
N SER A 714 -23.97 48.08 -3.38
CA SER A 714 -23.26 48.76 -2.30
C SER A 714 -21.87 48.16 -2.12
N LYS A 715 -20.99 48.95 -1.49
CA LYS A 715 -19.63 48.49 -1.27
C LYS A 715 -19.60 47.26 -0.36
N GLU A 716 -20.51 47.20 0.61
CA GLU A 716 -20.56 46.05 1.51
C GLU A 716 -20.95 44.78 0.77
N LEU A 717 -21.90 44.89 -0.17
CA LEU A 717 -22.33 43.72 -0.92
C LEU A 717 -21.35 43.35 -2.02
N LYS A 718 -20.61 44.33 -2.56
CA LYS A 718 -19.53 44.01 -3.47
C LYS A 718 -18.41 43.25 -2.75
N ASP A 719 -18.12 43.64 -1.51
CA ASP A 719 -17.11 42.94 -0.73
C ASP A 719 -17.54 41.51 -0.43
N LEU A 720 -18.84 41.30 -0.19
CA LEU A 720 -19.33 39.95 0.06
C LEU A 720 -19.26 39.09 -1.19
N ARG A 721 -19.56 39.68 -2.36
CA ARG A 721 -19.45 38.93 -3.61
C ARG A 721 -17.99 38.61 -3.92
N HIS A 722 -17.08 39.53 -3.61
CA HIS A 722 -15.66 39.26 -3.80
C HIS A 722 -15.21 38.09 -2.93
N LYS A 723 -15.61 38.11 -1.65
CA LYS A 723 -15.29 36.99 -0.77
C LYS A 723 -15.95 35.70 -1.24
N LEU A 724 -17.14 35.81 -1.81
CA LEU A 724 -17.88 34.64 -2.27
C LEU A 724 -17.13 33.92 -3.38
N HIS A 725 -16.84 34.63 -4.47
CA HIS A 725 -16.23 33.99 -5.63
C HIS A 725 -14.74 33.73 -5.45
N SER A 726 -14.08 34.46 -4.55
CA SER A 726 -12.72 34.07 -4.16
C SER A 726 -12.73 32.78 -3.35
N THR A 727 -13.80 32.56 -2.57
CA THR A 727 -13.94 31.30 -1.85
C THR A 727 -14.19 30.14 -2.81
N THR A 728 -15.02 30.36 -3.83
CA THR A 728 -15.29 29.31 -4.81
C THR A 728 -14.01 28.90 -5.53
N ALA A 729 -13.20 29.87 -5.94
CA ALA A 729 -11.94 29.55 -6.61
C ALA A 729 -10.99 28.82 -5.66
N LYS A 730 -10.97 29.23 -4.38
CA LYS A 730 -10.10 28.58 -3.42
C LYS A 730 -10.54 27.15 -3.15
N VAL A 731 -11.86 26.95 -2.99
CA VAL A 731 -12.37 25.60 -2.73
C VAL A 731 -12.16 24.71 -3.95
N SER A 732 -12.38 25.25 -5.15
CA SER A 732 -12.14 24.48 -6.37
C SER A 732 -10.69 24.05 -6.47
N ASP A 733 -9.77 24.96 -6.15
CA ASP A 733 -8.35 24.62 -6.19
C ASP A 733 -7.98 23.64 -5.08
N ASP A 734 -8.67 23.72 -3.94
CA ASP A 734 -8.39 22.78 -2.85
C ASP A 734 -8.87 21.38 -3.19
N TYR A 735 -10.07 21.27 -3.78
CA TYR A 735 -10.60 19.95 -4.13
C TYR A 735 -9.83 19.36 -5.32
N GLY A 736 -9.64 20.15 -6.38
CA GLY A 736 -9.11 19.63 -7.62
C GLY A 736 -7.60 19.49 -7.69
N ARG A 737 -6.88 20.51 -7.22
CA ARG A 737 -5.42 20.54 -7.36
C ARG A 737 -4.71 20.14 -6.07
N ARG A 738 -4.93 20.89 -4.99
CA ARG A 738 -4.17 20.68 -3.76
C ARG A 738 -4.62 19.44 -3.01
N GLN A 739 -5.90 19.07 -3.10
CA GLN A 739 -6.48 17.95 -2.34
C GLN A 739 -6.24 18.13 -0.84
N GLN A 740 -6.43 19.36 -0.36
CA GLN A 740 -6.38 19.69 1.06
C GLN A 740 -7.77 20.17 1.44
N PHE A 741 -8.56 19.27 2.05
CA PHE A 741 -9.97 19.56 2.30
C PHE A 741 -10.20 20.36 3.57
N ASN A 742 -9.24 20.35 4.51
CA ASN A 742 -9.40 21.14 5.72
C ASN A 742 -9.39 22.64 5.44
N THR A 743 -8.52 23.08 4.53
CA THR A 743 -8.46 24.49 4.19
C THR A 743 -9.69 24.95 3.40
N ALA A 744 -10.29 24.04 2.64
CA ALA A 744 -11.53 24.38 1.93
C ALA A 744 -12.67 24.64 2.91
N ILE A 745 -12.76 23.83 3.97
CA ILE A 745 -13.79 24.05 4.99
C ILE A 745 -13.57 25.38 5.68
N ALA A 746 -12.31 25.71 5.99
CA ALA A 746 -12.01 26.99 6.61
C ALA A 746 -12.38 28.15 5.70
N ALA A 747 -12.20 27.98 4.39
CA ALA A 747 -12.57 29.05 3.46
C ALA A 747 -14.06 29.31 3.46
N VAL A 748 -14.87 28.25 3.49
CA VAL A 748 -16.32 28.42 3.56
C VAL A 748 -16.72 29.04 4.90
N MET A 749 -16.01 28.69 5.97
CA MET A 749 -16.27 29.32 7.26
C MET A 749 -15.99 30.81 7.22
N GLU A 750 -14.90 31.21 6.56
CA GLU A 750 -14.59 32.63 6.44
C GLU A 750 -15.64 33.37 5.62
N LEU A 751 -16.18 32.70 4.58
CA LEU A 751 -17.25 33.31 3.81
C LEU A 751 -18.50 33.50 4.67
N LEU A 752 -18.85 32.50 5.48
CA LEU A 752 -20.00 32.63 6.35
C LEU A 752 -19.78 33.68 7.44
N ASN A 753 -18.53 33.86 7.87
CA ASN A 753 -18.25 34.90 8.86
C ASN A 753 -18.50 36.29 8.29
N GLN A 754 -18.06 36.54 7.05
CA GLN A 754 -18.29 37.85 6.43
C GLN A 754 -19.76 38.04 6.12
N TYR A 755 -20.46 36.96 5.73
CA TYR A 755 -21.90 37.03 5.53
C TYR A 755 -22.60 37.46 6.81
N ASP A 756 -22.17 36.92 7.96
CA ASP A 756 -22.79 37.27 9.22
C ASP A 756 -22.57 38.74 9.58
N LYS A 757 -21.49 39.34 9.09
CA LYS A 757 -21.18 40.73 9.37
C LYS A 757 -21.76 41.69 8.35
N THR A 758 -22.44 41.18 7.32
CA THR A 758 -22.99 42.01 6.26
C THR A 758 -24.50 42.12 6.41
N ASP A 759 -25.01 43.35 6.36
CA ASP A 759 -26.45 43.58 6.35
C ASP A 759 -26.99 43.18 4.98
N THR A 760 -27.75 42.09 4.94
CA THR A 760 -28.34 41.57 3.70
C THR A 760 -29.85 41.77 3.68
N GLY A 761 -30.36 42.77 4.40
CA GLY A 761 -31.80 42.95 4.52
C GLY A 761 -32.46 43.64 3.34
N SER A 762 -31.70 44.39 2.54
CA SER A 762 -32.28 45.10 1.42
C SER A 762 -32.64 44.12 0.30
N GLU A 763 -33.26 44.66 -0.76
CA GLU A 763 -33.64 43.83 -1.89
C GLU A 763 -32.42 43.24 -2.58
N GLN A 764 -31.43 44.08 -2.89
CA GLN A 764 -30.18 43.57 -3.46
C GLN A 764 -29.39 42.78 -2.43
N GLY A 765 -29.57 43.07 -1.14
CA GLY A 765 -28.93 42.27 -0.12
C GLY A 765 -29.46 40.84 -0.08
N ARG A 766 -30.78 40.68 -0.21
CA ARG A 766 -31.36 39.34 -0.26
C ARG A 766 -30.85 38.55 -1.45
N ALA A 767 -30.72 39.22 -2.60
CA ALA A 767 -30.24 38.55 -3.80
C ALA A 767 -28.81 38.06 -3.62
N VAL A 768 -27.96 38.86 -2.99
CA VAL A 768 -26.59 38.44 -2.74
C VAL A 768 -26.55 37.34 -1.68
N ALA A 769 -27.39 37.46 -0.65
CA ALA A 769 -27.47 36.42 0.37
C ALA A 769 -27.89 35.09 -0.24
N GLN A 770 -28.85 35.10 -1.16
CA GLN A 770 -29.23 33.88 -1.87
C GLN A 770 -28.05 33.33 -2.66
N GLU A 771 -27.27 34.21 -3.29
CA GLU A 771 -26.12 33.77 -4.06
C GLU A 771 -25.06 33.16 -3.16
N VAL A 772 -24.90 33.71 -1.95
CA VAL A 772 -23.90 33.18 -1.01
C VAL A 772 -24.30 31.80 -0.53
N LEU A 773 -25.55 31.65 -0.10
CA LEU A 773 -25.98 30.38 0.49
C LEU A 773 -26.12 29.28 -0.56
N GLU A 774 -26.53 29.62 -1.78
CA GLU A 774 -26.60 28.62 -2.83
C GLU A 774 -25.21 28.09 -3.20
N ALA A 775 -24.20 28.95 -3.14
CA ALA A 775 -22.84 28.50 -3.42
C ALA A 775 -22.26 27.74 -2.24
N ALA A 776 -22.54 28.20 -1.01
CA ALA A 776 -21.94 27.59 0.16
C ALA A 776 -22.39 26.15 0.35
N VAL A 777 -23.68 25.87 0.12
CA VAL A 777 -24.17 24.50 0.30
C VAL A 777 -23.65 23.59 -0.81
N ARG A 778 -23.37 24.16 -1.99
CA ARG A 778 -22.80 23.35 -3.06
C ARG A 778 -21.30 23.14 -2.88
N LEU A 779 -20.60 24.14 -2.32
CA LEU A 779 -19.18 23.98 -2.04
C LEU A 779 -18.94 22.94 -0.95
N LEU A 780 -19.89 22.79 -0.03
CA LEU A 780 -19.78 21.82 1.07
C LEU A 780 -20.48 20.51 0.78
N TRP A 781 -21.25 20.43 -0.30
CA TRP A 781 -21.95 19.19 -0.64
C TRP A 781 -21.03 17.98 -0.76
N PRO A 782 -19.83 18.07 -1.37
CA PRO A 782 -18.96 16.88 -1.39
C PRO A 782 -18.57 16.37 0.00
N ILE A 783 -18.50 17.25 0.99
CA ILE A 783 -18.07 16.84 2.33
C ILE A 783 -19.26 16.42 3.19
N VAL A 784 -20.31 17.23 3.23
CA VAL A 784 -21.50 16.92 4.03
C VAL A 784 -22.72 16.93 3.12
N PRO A 785 -22.91 15.90 2.30
CA PRO A 785 -23.97 15.97 1.28
C PRO A 785 -25.38 15.91 1.85
N HIS A 786 -25.58 15.27 3.00
CA HIS A 786 -26.93 15.13 3.55
C HIS A 786 -27.52 16.49 3.90
N ILE A 787 -26.82 17.27 4.73
CA ILE A 787 -27.35 18.56 5.16
C ILE A 787 -27.37 19.54 4.01
N CYS A 788 -26.41 19.45 3.08
CA CYS A 788 -26.38 20.38 1.95
C CYS A 788 -27.50 20.09 0.96
N GLU A 789 -27.81 18.81 0.73
CA GLU A 789 -28.93 18.46 -0.13
C GLU A 789 -30.24 18.96 0.47
N THR A 790 -30.38 18.86 1.79
CA THR A 790 -31.61 19.30 2.44
C THR A 790 -31.74 20.81 2.42
N LEU A 791 -30.66 21.53 2.72
CA LEU A 791 -30.71 22.99 2.73
C LEU A 791 -30.84 23.56 1.32
N TRP A 792 -30.24 22.90 0.33
CA TRP A 792 -30.38 23.37 -1.05
C TRP A 792 -31.83 23.32 -1.51
N SER A 793 -32.55 22.26 -1.15
CA SER A 793 -33.94 22.13 -1.56
C SER A 793 -34.84 23.17 -0.91
N GLU A 794 -34.42 23.75 0.22
CA GLU A 794 -35.17 24.84 0.82
C GLU A 794 -34.88 26.18 0.16
N LEU A 795 -33.75 26.29 -0.54
CA LEU A 795 -33.35 27.54 -1.19
C LEU A 795 -33.68 27.57 -2.67
N ASN A 796 -33.70 26.43 -3.35
CA ASN A 796 -33.84 26.39 -4.79
C ASN A 796 -34.50 25.07 -5.18
N GLY A 797 -35.39 25.13 -6.18
CA GLY A 797 -36.13 23.97 -6.60
C GLY A 797 -35.49 23.11 -7.65
N ALA A 798 -34.35 23.53 -8.19
CA ALA A 798 -33.65 22.72 -9.18
C ALA A 798 -32.85 21.62 -8.49
N LYS A 799 -32.56 20.56 -9.24
CA LYS A 799 -31.74 19.49 -8.73
C LYS A 799 -30.30 19.97 -8.55
N LEU A 800 -29.76 19.77 -7.35
CA LEU A 800 -28.44 20.31 -7.02
C LEU A 800 -27.38 19.83 -8.00
N TRP A 801 -27.39 18.53 -8.34
CA TRP A 801 -26.38 17.99 -9.25
C TRP A 801 -26.54 18.52 -10.67
N GLU A 802 -27.71 19.08 -11.00
CA GLU A 802 -27.88 19.73 -12.30
C GLU A 802 -27.51 21.20 -12.27
N ALA A 803 -27.59 21.85 -11.11
CA ALA A 803 -27.07 23.21 -10.98
C ALA A 803 -25.56 23.21 -11.15
N GLY A 804 -24.89 22.16 -10.68
CA GLY A 804 -23.47 21.98 -10.92
C GLY A 804 -22.60 22.72 -9.92
N TRP A 805 -21.30 22.51 -10.10
CA TRP A 805 -20.32 23.18 -9.26
C TRP A 805 -20.41 24.68 -9.45
N PRO A 806 -20.27 25.48 -8.39
CA PRO A 806 -20.40 26.93 -8.52
C PRO A 806 -19.33 27.50 -9.45
N THR A 807 -19.74 28.42 -10.31
CA THR A 807 -18.82 29.12 -11.20
C THR A 807 -18.29 30.37 -10.51
N VAL A 808 -17.07 30.75 -10.90
CA VAL A 808 -16.44 31.96 -10.38
C VAL A 808 -16.79 33.11 -11.31
N ASP A 809 -17.39 34.17 -10.76
CA ASP A 809 -17.66 35.38 -11.51
C ASP A 809 -16.43 36.27 -11.44
N GLU A 810 -15.70 36.36 -12.55
CA GLU A 810 -14.48 37.15 -12.59
C GLU A 810 -14.76 38.62 -12.28
N ALA A 811 -15.90 39.12 -12.73
CA ALA A 811 -16.24 40.52 -12.51
C ALA A 811 -16.38 40.84 -11.03
N ALA A 812 -16.74 39.85 -10.21
CA ALA A 812 -16.83 40.06 -8.77
C ALA A 812 -15.47 40.21 -8.11
N LEU A 813 -14.38 39.87 -8.81
CA LEU A 813 -13.04 39.98 -8.26
C LEU A 813 -12.29 41.21 -8.76
N VAL A 814 -12.86 41.96 -9.68
CA VAL A 814 -12.23 43.18 -10.20
C VAL A 814 -12.64 44.35 -9.31
N LYS A 815 -11.65 44.94 -8.63
CA LYS A 815 -11.89 46.11 -7.81
C LYS A 815 -11.83 47.38 -8.66
N SER A 816 -12.44 48.44 -8.15
CA SER A 816 -12.49 49.72 -8.84
C SER A 816 -11.09 50.29 -9.05
#